data_4S1W
#
_entry.id   4S1W
#
_cell.length_a   115.245
_cell.length_b   61.617
_cell.length_c   104.690
_cell.angle_alpha   90.00
_cell.angle_beta   112.79
_cell.angle_gamma   90.00
#
_symmetry.space_group_name_H-M   'C 1 2 1'
#
loop_
_entity.id
_entity.type
_entity.pdbx_description
1 polymer 'Glutamine--fructose-6-phosphate aminotransferase [isomerizing]'
2 non-polymer DI(HYDROXYETHYL)ETHER
3 water water
#
_entity_poly.entity_id   1
_entity_poly.type   'polypeptide(L)'
_entity_poly.pdbx_seq_one_letter_code
;AEKGVYAHY(MSE)LKEIHEQPAV(MSE)RRIIQEYQDAEGNLKIDQDIINDVKEADRIYVIAAGTSYHAGLVGKEFLEK
WAGVPTEVHVASEFVYN(MSE)PLLSEKPLFVYISQSGETADSRAVLVETNKLGHKSLTITNVAGSTLSREADHTLLLHA
GPEIAVASTKAYTAQIAVLSILSQIVAKEHGREADIDLLRELAKVTTAIEAIVDDAPI(MSE)EQIATDFLETTRNAFFI
GRTIDYNVSLEGALKLKEISYIQAEGFAGGELKHGTIALIEDGTPVVALATQENVNLSIRGNVKEVVARGAHPCIIS
(MSE)EGLEKEGDTYVIPHVHELLTPLVSVVALQLISYYAALHRDLDVDKPRNLAKSVTVE
;
_entity_poly.pdbx_strand_id   A,B
#
loop_
_chem_comp.id
_chem_comp.type
_chem_comp.name
_chem_comp.formula
PEG non-polymer DI(HYDROXYETHYL)ETHER 'C4 H10 O3'
#
# COMPACT_ATOMS: atom_id res chain seq x y z
N VAL A 5 35.53 -0.08 0.24
CA VAL A 5 35.60 1.19 1.01
C VAL A 5 34.26 1.94 1.01
N TYR A 6 33.69 2.19 -0.17
CA TYR A 6 32.37 2.86 -0.29
C TYR A 6 31.34 2.02 0.44
N ALA A 7 30.54 2.64 1.32
CA ALA A 7 29.46 1.95 2.07
C ALA A 7 29.88 0.59 2.56
N HIS A 8 31.03 0.56 3.23
CA HIS A 8 31.68 -0.64 3.66
C HIS A 8 30.69 -1.61 4.33
N TYR A 9 29.85 -1.08 5.26
CA TYR A 9 29.09 -1.97 6.12
C TYR A 9 27.92 -2.58 5.34
N MSE A 10 27.40 -1.89 4.34
CA MSE A 10 26.33 -2.45 3.52
C MSE A 10 26.89 -3.62 2.75
O MSE A 10 26.28 -4.71 2.70
CB MSE A 10 25.77 -1.42 2.53
CG MSE A 10 24.53 -2.02 1.92
SE MSE A 10 23.81 -0.81 0.54
CE MSE A 10 22.21 -1.76 0.03
N LEU A 11 28.03 -3.44 2.14
CA LEU A 11 28.59 -4.52 1.31
C LEU A 11 28.95 -5.73 2.22
N LYS A 12 29.48 -5.47 3.42
CA LYS A 12 29.79 -6.49 4.41
C LYS A 12 28.55 -7.27 4.79
N GLU A 13 27.45 -6.57 5.06
CA GLU A 13 26.25 -7.23 5.50
C GLU A 13 25.58 -8.04 4.38
N ILE A 14 25.67 -7.52 3.15
CA ILE A 14 25.18 -8.28 1.99
C ILE A 14 25.89 -9.62 1.94
N HIS A 15 27.21 -9.55 2.12
CA HIS A 15 28.04 -10.78 2.00
C HIS A 15 27.87 -11.74 3.14
N GLU A 16 27.39 -11.26 4.29
CA GLU A 16 27.09 -12.15 5.42
C GLU A 16 25.85 -13.08 5.21
N GLN A 17 25.06 -12.82 4.17
CA GLN A 17 23.75 -13.51 4.13
C GLN A 17 23.88 -15.03 4.03
N PRO A 18 24.84 -15.56 3.23
CA PRO A 18 24.97 -17.06 3.28
C PRO A 18 25.25 -17.62 4.65
N ALA A 19 26.19 -17.03 5.35
CA ALA A 19 26.45 -17.44 6.73
C ALA A 19 25.27 -17.34 7.68
N VAL A 20 24.47 -16.28 7.52
CA VAL A 20 23.27 -16.11 8.32
C VAL A 20 22.28 -17.22 8.04
N MSE A 21 22.09 -17.53 6.77
CA MSE A 21 21.21 -18.60 6.36
C MSE A 21 21.62 -19.96 6.95
O MSE A 21 20.82 -20.70 7.50
CB MSE A 21 21.07 -18.76 4.83
CG MSE A 21 20.55 -17.63 3.97
SE MSE A 21 18.61 -17.39 4.38
CE MSE A 21 18.85 -15.85 5.48
N ARG A 22 22.91 -20.25 6.89
CA ARG A 22 23.44 -21.48 7.45
C ARG A 22 23.26 -21.51 8.98
N ARG A 23 23.45 -20.37 9.68
CA ARG A 23 23.21 -20.33 11.12
C ARG A 23 21.76 -20.59 11.44
N ILE A 24 20.83 -19.97 10.68
CA ILE A 24 19.42 -20.19 10.95
C ILE A 24 19.11 -21.68 10.73
N ILE A 25 19.62 -22.24 9.65
CA ILE A 25 19.38 -23.68 9.32
C ILE A 25 19.85 -24.57 10.50
N GLN A 26 20.99 -24.24 11.10
CA GLN A 26 21.51 -24.99 12.25
C GLN A 26 20.69 -24.76 13.50
N GLU A 27 20.38 -23.49 13.80
CA GLU A 27 19.65 -23.21 15.05
C GLU A 27 18.24 -23.74 15.10
N TYR A 28 17.59 -23.85 13.95
CA TYR A 28 16.19 -24.23 13.84
C TYR A 28 15.98 -25.68 13.47
N GLN A 29 17.05 -26.48 13.67
CA GLN A 29 16.91 -27.92 13.59
C GLN A 29 17.50 -28.62 14.79
N ASP A 30 17.00 -29.82 15.01
CA ASP A 30 17.44 -30.63 16.12
C ASP A 30 18.40 -31.70 15.60
N ALA A 31 18.88 -32.56 16.50
CA ALA A 31 19.92 -33.51 16.17
C ALA A 31 19.34 -34.60 15.32
N GLU A 32 18.02 -34.69 15.22
CA GLU A 32 17.35 -35.63 14.26
C GLU A 32 17.20 -35.04 12.89
N GLY A 33 17.57 -33.76 12.73
CA GLY A 33 17.45 -33.07 11.45
C GLY A 33 16.04 -32.59 11.14
N ASN A 34 15.21 -32.52 12.15
CA ASN A 34 13.87 -32.00 12.03
C ASN A 34 13.81 -30.54 12.50
N LEU A 35 12.93 -29.80 11.84
CA LEU A 35 12.62 -28.44 12.28
C LEU A 35 12.25 -28.37 13.74
N LYS A 36 12.79 -27.38 14.44
CA LYS A 36 12.54 -27.26 15.86
C LYS A 36 12.26 -25.87 16.36
N ILE A 37 11.04 -25.69 16.84
CA ILE A 37 10.68 -24.49 17.59
C ILE A 37 9.91 -24.96 18.83
N ASP A 38 9.99 -24.16 19.88
CA ASP A 38 9.27 -24.48 21.16
C ASP A 38 7.78 -24.79 20.93
N GLN A 39 7.27 -25.85 21.59
CA GLN A 39 5.90 -26.27 21.34
C GLN A 39 4.87 -25.21 21.77
N ASP A 40 5.16 -24.43 22.82
CA ASP A 40 4.22 -23.41 23.20
C ASP A 40 3.97 -22.39 22.10
N ILE A 41 5.01 -22.11 21.30
CA ILE A 41 4.88 -21.14 20.27
C ILE A 41 4.01 -21.76 19.20
N ILE A 42 4.33 -22.98 18.86
CA ILE A 42 3.55 -23.67 17.85
C ILE A 42 2.07 -23.72 18.23
N ASN A 43 1.78 -24.01 19.50
CA ASN A 43 0.40 -24.12 19.96
C ASN A 43 -0.35 -22.82 19.83
N ASP A 44 0.28 -21.73 20.23
CA ASP A 44 -0.37 -20.45 20.09
C ASP A 44 -0.63 -20.08 18.63
N VAL A 45 0.29 -20.36 17.73
CA VAL A 45 0.10 -19.99 16.33
C VAL A 45 -1.00 -20.85 15.71
N LYS A 46 -0.95 -22.16 15.98
CA LYS A 46 -1.87 -23.07 15.35
C LYS A 46 -3.29 -22.83 15.81
N GLU A 47 -3.48 -22.33 17.03
CA GLU A 47 -4.79 -22.03 17.57
C GLU A 47 -5.35 -20.63 17.21
N ALA A 48 -4.52 -19.75 16.64
CA ALA A 48 -4.97 -18.40 16.33
C ALA A 48 -5.96 -18.44 15.18
N ASP A 49 -6.91 -17.53 15.16
CA ASP A 49 -7.83 -17.47 13.99
C ASP A 49 -7.40 -16.51 12.90
N ARG A 50 -6.41 -15.66 13.24
CA ARG A 50 -5.85 -14.69 12.31
C ARG A 50 -4.55 -14.20 12.91
N ILE A 51 -3.59 -13.93 12.06
CA ILE A 51 -2.34 -13.30 12.48
C ILE A 51 -2.24 -11.87 11.97
N TYR A 52 -1.83 -10.97 12.86
CA TYR A 52 -1.60 -9.56 12.52
C TYR A 52 -0.11 -9.33 12.66
N VAL A 53 0.56 -9.12 11.55
CA VAL A 53 2.01 -8.83 11.55
C VAL A 53 2.14 -7.31 11.66
N ILE A 54 2.93 -6.85 12.62
CA ILE A 54 3.11 -5.45 12.94
C ILE A 54 4.54 -5.15 12.72
N ALA A 55 4.84 -4.23 11.76
CA ALA A 55 6.22 -3.99 11.36
C ALA A 55 6.39 -2.65 10.67
N ALA A 56 7.61 -2.35 10.20
CA ALA A 56 7.85 -1.07 9.57
C ALA A 56 9.01 -1.23 8.61
N GLY A 57 9.01 -0.49 7.51
CA GLY A 57 10.16 -0.56 6.64
C GLY A 57 10.46 -1.92 6.09
N THR A 58 11.73 -2.24 6.11
CA THR A 58 12.16 -3.53 5.64
C THR A 58 11.46 -4.71 6.33
N SER A 59 11.17 -4.59 7.61
CA SER A 59 10.47 -5.70 8.30
C SER A 59 9.02 -5.81 7.86
N TYR A 60 8.44 -4.71 7.43
CA TYR A 60 7.09 -4.75 6.87
C TYR A 60 7.18 -5.50 5.52
N HIS A 61 8.21 -5.17 4.73
CA HIS A 61 8.39 -5.92 3.48
C HIS A 61 8.58 -7.41 3.71
N ALA A 62 9.34 -7.79 4.77
CA ALA A 62 9.58 -9.20 5.11
C ALA A 62 8.26 -9.86 5.52
N GLY A 63 7.47 -9.09 6.26
CA GLY A 63 6.13 -9.50 6.67
C GLY A 63 5.25 -9.87 5.46
N LEU A 64 5.31 -9.04 4.38
CA LEU A 64 4.51 -9.28 3.22
C LEU A 64 4.90 -10.66 2.64
N VAL A 65 6.20 -10.95 2.55
CA VAL A 65 6.66 -12.24 2.07
C VAL A 65 6.17 -13.39 2.96
N GLY A 66 6.28 -13.17 4.27
CA GLY A 66 5.90 -14.21 5.24
C GLY A 66 4.42 -14.54 5.30
N LYS A 67 3.55 -13.58 4.99
CA LYS A 67 2.13 -13.78 4.86
C LYS A 67 1.85 -14.93 3.94
N GLU A 68 2.59 -15.05 2.85
CA GLU A 68 2.33 -16.15 1.90
C GLU A 68 2.54 -17.48 2.56
N PHE A 69 3.61 -17.64 3.36
CA PHE A 69 3.83 -18.92 4.05
C PHE A 69 2.80 -19.19 5.13
N LEU A 70 2.43 -18.16 5.89
CA LEU A 70 1.48 -18.33 6.98
C LEU A 70 0.11 -18.74 6.43
N GLU A 71 -0.29 -18.15 5.31
CA GLU A 71 -1.55 -18.57 4.72
C GLU A 71 -1.49 -19.93 3.99
N LYS A 72 -0.51 -20.05 3.09
CA LYS A 72 -0.46 -21.17 2.19
C LYS A 72 0.05 -22.45 2.77
N TRP A 73 0.88 -22.34 3.80
CA TRP A 73 1.44 -23.51 4.49
C TRP A 73 0.73 -23.70 5.81
N ALA A 74 0.75 -22.71 6.68
CA ALA A 74 0.17 -22.89 8.01
C ALA A 74 -1.37 -22.81 8.01
N GLY A 75 -1.95 -22.27 6.92
CA GLY A 75 -3.39 -22.11 6.83
C GLY A 75 -4.09 -21.13 7.76
N VAL A 76 -3.36 -20.11 8.20
CA VAL A 76 -3.97 -19.07 9.05
C VAL A 76 -4.03 -17.72 8.30
N PRO A 77 -5.24 -17.12 8.19
CA PRO A 77 -5.37 -15.82 7.52
C PRO A 77 -4.45 -14.81 8.20
N THR A 78 -3.75 -14.04 7.38
CA THR A 78 -2.70 -13.15 7.86
C THR A 78 -2.79 -11.76 7.22
N GLU A 79 -2.69 -10.73 8.08
CA GLU A 79 -2.66 -9.33 7.67
C GLU A 79 -1.35 -8.69 8.09
N VAL A 80 -0.83 -7.79 7.26
CA VAL A 80 0.43 -7.14 7.51
C VAL A 80 0.17 -5.63 7.63
N HIS A 81 0.61 -5.04 8.77
CA HIS A 81 0.30 -3.64 9.04
C HIS A 81 1.51 -2.84 9.37
N VAL A 82 1.49 -1.60 8.91
CA VAL A 82 2.49 -0.64 9.24
C VAL A 82 2.25 -0.13 10.68
N ALA A 83 3.21 -0.31 11.56
CA ALA A 83 3.01 -0.06 13.00
C ALA A 83 2.56 1.37 13.36
N SER A 84 3.13 2.34 12.64
CA SER A 84 2.83 3.76 12.96
C SER A 84 1.37 4.09 12.63
N GLU A 85 0.78 3.38 11.66
CA GLU A 85 -0.64 3.56 11.33
C GLU A 85 -1.52 2.75 12.25
N PHE A 86 -1.15 1.51 12.50
CA PHE A 86 -1.90 0.64 13.39
C PHE A 86 -2.09 1.23 14.79
N VAL A 87 -1.05 1.86 15.33
CA VAL A 87 -1.12 2.30 16.70
C VAL A 87 -2.10 3.48 16.87
N TYR A 88 -2.30 4.31 15.85
CA TYR A 88 -3.18 5.43 15.94
C TYR A 88 -4.55 5.16 15.35
N ASN A 89 -4.73 3.98 14.78
CA ASN A 89 -5.99 3.63 14.15
C ASN A 89 -6.15 2.11 14.14
N MSE A 90 -6.30 1.53 15.31
CA MSE A 90 -6.37 0.09 15.41
C MSE A 90 -7.68 -0.38 14.84
O MSE A 90 -8.77 0.16 15.13
CB MSE A 90 -6.27 -0.38 16.84
CG MSE A 90 -6.06 -1.88 16.81
SE MSE A 90 -5.56 -2.49 18.60
CE MSE A 90 -4.63 -0.90 19.33
N PRO A 91 -7.59 -1.36 13.99
CA PRO A 91 -8.77 -1.88 13.32
C PRO A 91 -9.53 -2.89 14.13
N LEU A 92 -10.67 -3.32 13.59
CA LEU A 92 -11.42 -4.39 14.22
C LEU A 92 -10.61 -5.70 14.19
N LEU A 93 -10.61 -6.42 15.32
CA LEU A 93 -9.83 -7.61 15.51
C LEU A 93 -10.67 -8.82 15.55
N SER A 94 -10.09 -9.91 15.15
CA SER A 94 -10.72 -11.22 15.25
C SER A 94 -10.85 -11.70 16.72
N GLU A 95 -11.49 -12.86 16.89
CA GLU A 95 -11.77 -13.40 18.22
C GLU A 95 -10.54 -13.93 18.92
N LYS A 96 -9.61 -14.50 18.14
CA LYS A 96 -8.41 -15.14 18.70
C LYS A 96 -7.15 -14.71 17.97
N PRO A 97 -6.88 -13.41 17.98
CA PRO A 97 -5.82 -12.87 17.15
C PRO A 97 -4.46 -13.14 17.76
N LEU A 98 -3.49 -13.45 16.93
CA LEU A 98 -2.10 -13.47 17.40
C LEU A 98 -1.31 -12.35 16.72
N PHE A 99 -0.59 -11.55 17.50
CA PHE A 99 0.23 -10.47 16.96
C PHE A 99 1.69 -10.91 16.80
N VAL A 100 2.22 -10.72 15.61
CA VAL A 100 3.64 -10.99 15.32
C VAL A 100 4.39 -9.73 15.06
N TYR A 101 5.33 -9.41 15.95
CA TYR A 101 6.11 -8.19 15.90
C TYR A 101 7.44 -8.52 15.28
N ILE A 102 7.72 -7.98 14.08
CA ILE A 102 8.99 -8.21 13.41
C ILE A 102 9.81 -6.92 13.59
N SER A 103 10.98 -7.07 14.21
CA SER A 103 11.86 -5.92 14.49
C SER A 103 13.27 -6.41 14.71
N GLN A 104 14.18 -6.02 13.84
CA GLN A 104 15.56 -6.43 13.98
C GLN A 104 16.10 -6.07 15.40
N SER A 105 15.92 -4.81 15.76
CA SER A 105 16.54 -4.31 17.00
C SER A 105 15.73 -4.78 18.21
N GLY A 106 14.46 -5.11 18.03
CA GLY A 106 13.59 -5.39 19.19
C GLY A 106 13.11 -4.17 19.99
N GLU A 107 13.42 -2.97 19.48
CA GLU A 107 13.12 -1.73 20.21
C GLU A 107 12.32 -0.71 19.42
N THR A 108 11.92 -1.06 18.19
CA THR A 108 11.16 -0.16 17.31
C THR A 108 9.98 0.48 18.04
N ALA A 109 9.99 1.82 18.13
CA ALA A 109 9.05 2.53 18.99
C ALA A 109 7.58 2.25 18.72
N ASP A 110 7.18 2.36 17.46
CA ASP A 110 5.73 2.23 17.16
C ASP A 110 5.30 0.78 17.44
N SER A 111 6.15 -0.20 17.10
CA SER A 111 5.88 -1.63 17.38
C SER A 111 5.74 -1.88 18.88
N ARG A 112 6.66 -1.28 19.66
CA ARG A 112 6.53 -1.37 21.12
C ARG A 112 5.21 -0.84 21.63
N ALA A 113 4.76 0.27 21.10
CA ALA A 113 3.51 0.90 21.53
C ALA A 113 2.29 0.04 21.21
N VAL A 114 2.36 -0.64 20.08
CA VAL A 114 1.28 -1.55 19.73
C VAL A 114 1.30 -2.75 20.67
N LEU A 115 2.48 -3.30 20.96
CA LEU A 115 2.56 -4.42 21.90
C LEU A 115 1.98 -4.06 23.27
N VAL A 116 2.29 -2.87 23.79
CA VAL A 116 1.67 -2.43 25.01
C VAL A 116 0.12 -2.55 24.96
N GLU A 117 -0.47 -2.07 23.85
CA GLU A 117 -1.90 -2.12 23.67
C GLU A 117 -2.44 -3.53 23.51
N THR A 118 -1.77 -4.40 22.72
CA THR A 118 -2.29 -5.75 22.56
C THR A 118 -2.17 -6.57 23.86
N ASN A 119 -1.13 -6.32 24.62
CA ASN A 119 -1.01 -6.90 25.96
C ASN A 119 -2.07 -6.39 26.91
N LYS A 120 -2.37 -5.09 26.90
CA LYS A 120 -3.55 -4.58 27.65
C LYS A 120 -4.84 -5.27 27.26
N LEU A 121 -4.96 -5.64 26.00
CA LEU A 121 -6.19 -6.29 25.51
C LEU A 121 -6.20 -7.81 25.80
N GLY A 122 -5.07 -8.32 26.23
CA GLY A 122 -4.95 -9.69 26.62
C GLY A 122 -4.68 -10.62 25.45
N HIS A 123 -4.25 -10.09 24.29
CA HIS A 123 -4.00 -10.97 23.14
C HIS A 123 -2.55 -11.55 23.10
N LYS A 124 -2.40 -12.72 22.46
CA LYS A 124 -1.12 -13.39 22.37
C LYS A 124 -0.20 -12.67 21.44
N SER A 125 1.12 -12.76 21.70
CA SER A 125 2.10 -12.08 20.90
C SER A 125 3.32 -12.96 20.71
N LEU A 126 3.94 -12.76 19.57
CA LEU A 126 5.23 -13.40 19.17
C LEU A 126 6.12 -12.35 18.58
N THR A 127 7.37 -12.26 19.06
CA THR A 127 8.33 -11.33 18.50
C THR A 127 9.43 -12.08 17.71
N ILE A 128 9.74 -11.59 16.52
CA ILE A 128 10.84 -12.06 15.67
C ILE A 128 11.84 -10.92 15.67
N THR A 129 13.00 -11.19 16.26
CA THR A 129 14.01 -10.14 16.52
C THR A 129 15.42 -10.76 16.44
N ASN A 130 16.41 -9.89 16.28
CA ASN A 130 17.79 -10.31 16.38
C ASN A 130 18.38 -10.14 17.77
N VAL A 131 17.69 -9.42 18.65
CA VAL A 131 18.22 -9.09 19.97
C VAL A 131 17.44 -9.71 21.13
N ALA A 132 18.03 -10.74 21.75
CA ALA A 132 17.34 -11.39 22.86
C ALA A 132 17.33 -10.38 23.95
N GLY A 133 16.31 -10.39 24.74
CA GLY A 133 16.40 -9.45 25.87
C GLY A 133 16.03 -8.00 25.52
N SER A 134 15.69 -7.73 24.24
CA SER A 134 15.08 -6.46 23.82
C SER A 134 13.65 -6.34 24.35
N THR A 135 13.12 -5.13 24.37
CA THR A 135 11.79 -4.88 24.95
C THR A 135 10.72 -5.73 24.25
N LEU A 136 10.76 -5.80 22.94
CA LEU A 136 9.71 -6.57 22.21
C LEU A 136 9.80 -8.09 22.56
N SER A 137 11.01 -8.55 22.77
CA SER A 137 11.20 -9.94 23.26
C SER A 137 10.68 -10.10 24.66
N ARG A 138 11.14 -9.25 25.59
CA ARG A 138 10.71 -9.37 27.00
C ARG A 138 9.20 -9.26 27.27
N GLU A 139 8.49 -8.45 26.49
CA GLU A 139 7.08 -8.16 26.73
C GLU A 139 6.19 -9.00 25.88
N ALA A 140 6.78 -9.76 24.95
CA ALA A 140 5.94 -10.67 24.15
C ALA A 140 5.83 -12.06 24.79
N ASP A 141 4.75 -12.80 24.53
CA ASP A 141 4.67 -14.17 25.03
C ASP A 141 5.83 -15.07 24.60
N HIS A 142 6.25 -14.95 23.34
CA HIS A 142 7.26 -15.81 22.74
C HIS A 142 8.18 -14.98 21.87
N THR A 143 9.39 -15.48 21.69
CA THR A 143 10.43 -14.88 20.83
C THR A 143 11.06 -15.93 19.91
N LEU A 144 11.28 -15.54 18.67
CA LEU A 144 12.15 -16.26 17.74
C LEU A 144 13.31 -15.36 17.36
N LEU A 145 14.52 -15.89 17.41
CA LEU A 145 15.70 -15.10 17.13
C LEU A 145 16.19 -15.30 15.69
N LEU A 146 16.84 -14.27 15.19
CA LEU A 146 17.28 -14.20 13.80
C LEU A 146 18.71 -14.64 13.54
N HIS A 147 19.58 -14.60 14.53
CA HIS A 147 20.98 -15.08 14.38
C HIS A 147 21.74 -14.37 13.27
N ALA A 148 21.48 -13.08 13.10
CA ALA A 148 22.01 -12.33 11.95
C ALA A 148 23.28 -11.60 12.23
N GLY A 149 23.63 -11.50 13.52
CA GLY A 149 24.79 -10.68 13.92
C GLY A 149 24.50 -9.17 13.88
N PRO A 150 25.47 -8.31 14.24
CA PRO A 150 25.10 -6.90 14.36
C PRO A 150 24.83 -6.19 13.04
N GLU A 151 24.00 -5.20 13.11
CA GLU A 151 23.61 -4.37 11.96
C GLU A 151 24.22 -2.99 12.19
N ILE A 152 25.05 -2.59 11.26
CA ILE A 152 25.74 -1.29 11.37
C ILE A 152 25.42 -0.38 10.21
N ALA A 153 25.19 -0.93 9.03
CA ALA A 153 24.92 -0.13 7.82
C ALA A 153 23.63 0.66 7.99
N VAL A 154 23.55 1.77 7.29
CA VAL A 154 22.35 2.58 7.26
C VAL A 154 21.25 1.91 6.47
N ALA A 155 21.61 1.25 5.38
CA ALA A 155 20.69 0.49 4.59
C ALA A 155 20.83 -0.95 4.99
N SER A 156 19.85 -1.41 5.72
CA SER A 156 19.58 -2.80 6.05
C SER A 156 19.49 -3.82 4.90
N THR A 157 20.15 -4.98 5.05
CA THR A 157 20.08 -6.04 4.06
C THR A 157 19.81 -7.44 4.61
N LYS A 158 20.71 -7.95 5.48
CA LYS A 158 20.64 -9.31 5.97
C LYS A 158 19.40 -9.50 6.90
N ALA A 159 18.88 -8.40 7.45
CA ALA A 159 17.65 -8.46 8.29
C ALA A 159 16.47 -9.04 7.53
N TYR A 160 16.32 -8.58 6.30
CA TYR A 160 15.17 -8.94 5.49
C TYR A 160 15.21 -10.46 5.24
N THR A 161 16.33 -10.93 4.77
CA THR A 161 16.42 -12.36 4.40
C THR A 161 16.37 -13.23 5.64
N ALA A 162 17.00 -12.81 6.75
CA ALA A 162 16.84 -13.61 7.96
C ALA A 162 15.38 -13.72 8.42
N GLN A 163 14.66 -12.59 8.40
CA GLN A 163 13.25 -12.53 8.83
C GLN A 163 12.42 -13.49 7.98
N ILE A 164 12.61 -13.46 6.65
CA ILE A 164 11.81 -14.33 5.78
C ILE A 164 12.11 -15.79 6.06
N ALA A 165 13.39 -16.11 6.28
CA ALA A 165 13.76 -17.49 6.57
C ALA A 165 13.09 -18.05 7.85
N VAL A 166 13.08 -17.24 8.89
CA VAL A 166 12.45 -17.65 10.13
C VAL A 166 10.92 -17.77 9.96
N LEU A 167 10.31 -16.85 9.19
CA LEU A 167 8.88 -16.92 8.92
C LEU A 167 8.54 -18.25 8.20
N SER A 168 9.37 -18.63 7.24
CA SER A 168 9.16 -19.88 6.51
C SER A 168 9.20 -21.10 7.43
N ILE A 169 10.16 -21.12 8.33
CA ILE A 169 10.33 -22.20 9.28
C ILE A 169 9.14 -22.31 10.27
N LEU A 170 8.74 -21.18 10.83
CA LEU A 170 7.57 -21.14 11.74
C LEU A 170 6.36 -21.68 10.99
N SER A 171 6.20 -21.21 9.76
CA SER A 171 5.00 -21.60 9.01
C SER A 171 4.95 -23.10 8.71
N GLN A 172 6.07 -23.64 8.27
CA GLN A 172 6.12 -25.09 7.93
C GLN A 172 5.95 -25.96 9.14
N ILE A 173 6.50 -25.54 10.28
CA ILE A 173 6.33 -26.31 11.49
C ILE A 173 4.85 -26.34 11.87
N VAL A 174 4.18 -25.20 11.77
CA VAL A 174 2.73 -25.16 12.07
C VAL A 174 1.93 -26.01 11.07
N ALA A 175 2.31 -25.93 9.79
CA ALA A 175 1.66 -26.70 8.75
C ALA A 175 1.70 -28.19 9.15
N LYS A 176 2.86 -28.64 9.60
CA LYS A 176 3.03 -30.03 10.03
C LYS A 176 2.15 -30.40 11.24
N GLU A 177 1.91 -29.48 12.17
CA GLU A 177 0.94 -29.77 13.22
C GLU A 177 -0.40 -30.34 12.69
N HIS A 178 -0.73 -30.12 11.41
CA HIS A 178 -1.93 -30.78 10.83
C HIS A 178 -1.59 -31.74 9.67
N GLU A 181 0.86 -29.49 5.96
CA GLU A 181 2.31 -29.60 5.71
C GLU A 181 2.60 -29.47 4.22
N ALA A 182 3.35 -28.45 3.82
CA ALA A 182 3.69 -28.31 2.42
C ALA A 182 4.59 -29.47 1.97
N ASP A 183 4.39 -30.02 0.77
CA ASP A 183 5.16 -31.21 0.38
C ASP A 183 6.56 -30.88 -0.11
N ILE A 184 7.35 -30.27 0.78
CA ILE A 184 8.71 -29.90 0.46
C ILE A 184 9.56 -30.15 1.71
N ASP A 185 10.86 -30.26 1.51
CA ASP A 185 11.80 -30.47 2.58
C ASP A 185 12.40 -29.08 2.78
N LEU A 186 11.91 -28.34 3.78
CA LEU A 186 12.26 -26.92 3.87
C LEU A 186 13.74 -26.71 4.11
N LEU A 187 14.35 -27.53 4.97
CA LEU A 187 15.77 -27.36 5.23
C LEU A 187 16.59 -27.56 3.95
N ARG A 188 16.20 -28.53 3.14
CA ARG A 188 16.84 -28.78 1.86
C ARG A 188 16.62 -27.58 0.88
N GLU A 189 15.41 -27.01 0.89
CA GLU A 189 15.09 -25.89 0.01
C GLU A 189 15.83 -24.64 0.51
N LEU A 190 16.01 -24.47 1.82
CA LEU A 190 16.82 -23.33 2.33
C LEU A 190 18.31 -23.48 1.99
N ALA A 191 18.82 -24.72 1.92
CA ALA A 191 20.23 -24.93 1.48
C ALA A 191 20.36 -24.54 0.01
N LYS A 192 19.38 -24.91 -0.82
CA LYS A 192 19.35 -24.49 -2.20
C LYS A 192 19.32 -22.97 -2.37
N VAL A 193 18.50 -22.31 -1.55
CA VAL A 193 18.48 -20.88 -1.49
C VAL A 193 19.89 -20.30 -1.14
N THR A 194 20.52 -20.87 -0.13
CA THR A 194 21.86 -20.42 0.28
C THR A 194 22.84 -20.46 -0.91
N THR A 195 22.84 -21.60 -1.61
CA THR A 195 23.73 -21.77 -2.73
C THR A 195 23.41 -20.78 -3.84
N ALA A 196 22.11 -20.47 -4.02
CA ALA A 196 21.67 -19.54 -5.03
C ALA A 196 22.12 -18.10 -4.70
N ILE A 197 21.99 -17.74 -3.42
CA ILE A 197 22.49 -16.46 -2.93
C ILE A 197 24.00 -16.36 -3.20
N GLU A 198 24.72 -17.45 -2.96
CA GLU A 198 26.18 -17.46 -3.23
C GLU A 198 26.47 -17.23 -4.72
N ALA A 199 25.64 -17.80 -5.59
CA ALA A 199 25.79 -17.60 -7.01
C ALA A 199 25.58 -16.13 -7.40
N ILE A 200 24.59 -15.46 -6.77
CA ILE A 200 24.37 -14.04 -7.05
C ILE A 200 25.57 -13.19 -6.57
N VAL A 201 26.02 -13.46 -5.37
CA VAL A 201 27.14 -12.70 -4.77
C VAL A 201 28.40 -12.92 -5.62
N ASP A 202 28.58 -14.13 -6.16
CA ASP A 202 29.75 -14.41 -7.00
C ASP A 202 29.62 -13.57 -8.32
N ASP A 203 28.38 -13.29 -8.72
CA ASP A 203 28.09 -12.45 -9.90
C ASP A 203 28.02 -10.96 -9.55
N ALA A 204 28.59 -10.52 -8.41
CA ALA A 204 28.70 -9.10 -8.16
C ALA A 204 29.17 -8.22 -9.32
N PRO A 205 30.18 -8.67 -10.10
CA PRO A 205 30.61 -7.85 -11.24
C PRO A 205 29.52 -7.61 -12.28
N ILE A 206 28.62 -8.58 -12.41
CA ILE A 206 27.49 -8.43 -13.34
C ILE A 206 26.48 -7.45 -12.76
N MSE A 207 26.27 -7.54 -11.45
CA MSE A 207 25.38 -6.56 -10.77
C MSE A 207 25.95 -5.16 -10.89
O MSE A 207 25.24 -4.15 -11.07
CB MSE A 207 25.20 -6.88 -9.26
CG MSE A 207 24.76 -8.28 -8.94
SE MSE A 207 23.04 -8.74 -9.76
CE MSE A 207 23.68 -10.22 -10.90
N GLU A 208 27.27 -5.01 -10.78
CA GLU A 208 27.86 -3.71 -11.01
C GLU A 208 27.65 -3.17 -12.42
N GLN A 209 27.80 -4.04 -13.41
CA GLN A 209 27.56 -3.63 -14.81
C GLN A 209 26.09 -3.23 -15.02
N ILE A 210 25.16 -3.95 -14.40
CA ILE A 210 23.73 -3.62 -14.49
C ILE A 210 23.55 -2.23 -13.94
N ALA A 211 24.16 -1.95 -12.79
CA ALA A 211 24.09 -0.58 -12.27
C ALA A 211 24.60 0.47 -13.29
N THR A 212 25.73 0.20 -13.92
CA THR A 212 26.30 1.14 -14.90
C THR A 212 25.38 1.34 -16.06
N ASP A 213 24.76 0.24 -16.50
CA ASP A 213 23.97 0.20 -17.74
C ASP A 213 22.61 0.88 -17.55
N PHE A 214 22.05 0.85 -16.34
CA PHE A 214 20.71 1.35 -16.10
C PHE A 214 20.58 2.58 -15.17
N LEU A 215 21.46 2.70 -14.19
CA LEU A 215 21.23 3.60 -13.07
C LEU A 215 22.25 4.71 -12.91
N GLU A 216 23.11 4.93 -13.91
CA GLU A 216 24.20 5.89 -13.73
C GLU A 216 23.76 7.35 -13.61
N THR A 217 22.74 7.73 -14.35
CA THR A 217 22.37 9.13 -14.49
C THR A 217 20.94 9.49 -14.01
N THR A 218 20.07 8.48 -13.91
CA THR A 218 18.65 8.71 -13.66
C THR A 218 18.37 9.40 -12.33
N ARG A 219 17.25 10.16 -12.23
CA ARG A 219 16.85 10.68 -10.92
C ARG A 219 15.84 9.74 -10.32
N ASN A 220 15.37 8.76 -11.10
CA ASN A 220 14.32 7.83 -10.64
C ASN A 220 14.46 6.39 -11.17
N ALA A 221 13.65 5.49 -10.61
CA ALA A 221 13.67 4.13 -11.06
C ALA A 221 12.40 3.49 -10.65
N PHE A 222 11.91 2.57 -11.47
CA PHE A 222 10.73 1.87 -11.14
C PHE A 222 10.96 0.34 -11.04
N PHE A 223 10.61 -0.25 -9.91
CA PHE A 223 10.71 -1.69 -9.67
C PHE A 223 9.35 -2.27 -9.78
N ILE A 224 9.13 -3.23 -10.68
CA ILE A 224 7.80 -3.77 -10.88
C ILE A 224 7.83 -5.28 -10.77
N GLY A 225 6.70 -5.84 -10.39
CA GLY A 225 6.54 -7.26 -10.21
C GLY A 225 5.07 -7.54 -9.97
N ARG A 226 4.70 -8.81 -10.02
CA ARG A 226 3.36 -9.23 -9.66
C ARG A 226 3.41 -10.26 -8.56
N THR A 227 2.38 -10.32 -7.74
CA THR A 227 2.26 -11.26 -6.62
C THR A 227 3.51 -11.22 -5.73
N ILE A 228 4.16 -12.37 -5.60
CA ILE A 228 5.38 -12.53 -4.76
C ILE A 228 6.42 -11.50 -5.16
N ASP A 229 6.55 -11.24 -6.45
CA ASP A 229 7.55 -10.32 -6.94
C ASP A 229 7.21 -8.85 -6.71
N TYR A 230 5.92 -8.51 -6.55
CA TYR A 230 5.54 -7.15 -6.21
C TYR A 230 6.13 -6.82 -4.82
N ASN A 231 5.99 -7.79 -3.93
CA ASN A 231 6.47 -7.60 -2.57
C ASN A 231 7.97 -7.29 -2.59
N VAL A 232 8.75 -8.01 -3.39
CA VAL A 232 10.22 -7.83 -3.41
C VAL A 232 10.54 -6.50 -4.09
N SER A 233 9.72 -6.10 -5.09
CA SER A 233 9.92 -4.80 -5.74
C SER A 233 9.88 -3.65 -4.75
N LEU A 234 8.99 -3.75 -3.75
CA LEU A 234 8.96 -2.74 -2.73
C LEU A 234 10.26 -2.65 -1.91
N GLU A 235 10.83 -3.79 -1.56
CA GLU A 235 12.09 -3.85 -0.84
C GLU A 235 13.26 -3.37 -1.74
N GLY A 236 13.31 -3.70 -3.00
CA GLY A 236 14.38 -3.22 -3.86
C GLY A 236 14.35 -1.69 -4.02
N ALA A 237 13.14 -1.14 -4.21
CA ALA A 237 12.97 0.35 -4.27
C ALA A 237 13.49 0.98 -2.97
N LEU A 238 13.20 0.38 -1.81
CA LEU A 238 13.66 0.89 -0.56
C LEU A 238 15.17 0.89 -0.48
N LYS A 239 15.79 -0.22 -0.84
CA LYS A 239 17.26 -0.28 -0.86
C LYS A 239 17.90 0.80 -1.73
N LEU A 240 17.38 0.97 -2.91
CA LEU A 240 18.00 1.93 -3.80
C LEU A 240 17.87 3.33 -3.23
N LYS A 241 16.69 3.65 -2.69
CA LYS A 241 16.47 4.94 -2.11
C LYS A 241 17.40 5.18 -0.97
N GLU A 242 17.54 4.20 -0.08
CA GLU A 242 18.32 4.37 1.16
C GLU A 242 19.82 4.66 0.91
N ILE A 243 20.40 4.05 -0.10
CA ILE A 243 21.88 4.09 -0.30
C ILE A 243 22.23 5.10 -1.43
N SER A 244 21.38 5.24 -2.44
CA SER A 244 21.72 6.10 -3.60
C SER A 244 20.99 7.39 -3.63
N TYR A 245 19.93 7.50 -2.85
CA TYR A 245 18.97 8.63 -2.92
C TYR A 245 18.19 8.89 -4.28
N ILE A 246 18.17 7.91 -5.19
CA ILE A 246 17.40 7.92 -6.46
C ILE A 246 16.00 7.72 -5.96
N GLN A 247 15.05 8.41 -6.59
CA GLN A 247 13.62 8.30 -6.21
C GLN A 247 13.03 7.07 -6.87
N ALA A 248 13.30 5.95 -6.20
CA ALA A 248 12.84 4.64 -6.59
C ALA A 248 11.45 4.35 -6.03
N GLU A 249 10.62 3.68 -6.80
CA GLU A 249 9.32 3.23 -6.33
C GLU A 249 8.99 1.88 -6.86
N GLY A 250 8.31 1.10 -6.03
CA GLY A 250 7.84 -0.18 -6.41
C GLY A 250 6.35 -0.19 -6.68
N PHE A 251 5.98 -0.89 -7.76
CA PHE A 251 4.61 -0.99 -8.24
C PHE A 251 4.24 -2.38 -8.68
N ALA A 252 2.98 -2.72 -8.49
CA ALA A 252 2.46 -3.95 -9.04
C ALA A 252 2.29 -3.73 -10.53
N GLY A 253 2.73 -4.72 -11.31
CA GLY A 253 2.76 -4.59 -12.75
C GLY A 253 1.47 -4.20 -13.36
N GLY A 254 0.39 -4.73 -12.82
CA GLY A 254 -0.95 -4.47 -13.37
C GLY A 254 -1.58 -3.12 -13.04
N GLU A 255 -0.89 -2.35 -12.20
CA GLU A 255 -1.38 -1.05 -11.78
C GLU A 255 -0.68 0.10 -12.46
N LEU A 256 0.27 -0.16 -13.33
CA LEU A 256 0.99 0.94 -13.99
C LEU A 256 0.12 1.85 -14.83
N LYS A 257 -0.98 1.34 -15.37
CA LYS A 257 -1.89 2.15 -16.16
C LYS A 257 -2.43 3.43 -15.42
N HIS A 258 -2.30 3.51 -14.08
CA HIS A 258 -2.80 4.66 -13.28
C HIS A 258 -1.73 5.68 -13.01
N GLY A 259 -1.57 6.55 -13.97
CA GLY A 259 -0.67 7.63 -13.84
C GLY A 259 0.77 7.28 -13.92
N THR A 260 1.19 6.17 -13.32
CA THR A 260 2.60 5.87 -13.32
C THR A 260 3.12 5.73 -14.73
N ILE A 261 2.36 5.10 -15.65
CA ILE A 261 2.87 4.98 -17.04
C ILE A 261 3.12 6.37 -17.63
N ALA A 262 2.39 7.37 -17.11
CA ALA A 262 2.61 8.79 -17.50
C ALA A 262 4.03 9.27 -17.19
N LEU A 263 4.67 8.68 -16.20
CA LEU A 263 6.01 9.11 -15.84
C LEU A 263 7.14 8.48 -16.71
N ILE A 264 6.84 7.55 -17.63
CA ILE A 264 7.91 6.90 -18.42
C ILE A 264 8.48 7.76 -19.56
N GLU A 265 9.80 7.89 -19.61
CA GLU A 265 10.51 8.61 -20.68
C GLU A 265 11.55 7.72 -21.37
N ASP A 266 12.18 8.24 -22.42
CA ASP A 266 13.24 7.48 -23.06
C ASP A 266 14.34 7.32 -22.04
N GLY A 267 14.66 6.08 -21.69
CA GLY A 267 15.81 5.80 -20.84
C GLY A 267 15.41 5.56 -19.40
N THR A 268 14.12 5.70 -19.11
CA THR A 268 13.69 5.46 -17.70
C THR A 268 13.98 4.01 -17.32
N PRO A 269 14.70 3.75 -16.19
CA PRO A 269 14.98 2.34 -15.92
C PRO A 269 13.83 1.70 -15.22
N VAL A 270 13.45 0.51 -15.67
CA VAL A 270 12.42 -0.30 -15.08
C VAL A 270 13.01 -1.67 -14.76
N VAL A 271 13.10 -2.01 -13.45
CA VAL A 271 13.66 -3.27 -13.01
C VAL A 271 12.46 -4.18 -12.73
N ALA A 272 12.29 -5.19 -13.59
CA ALA A 272 11.13 -6.06 -13.56
C ALA A 272 11.51 -7.45 -13.10
N LEU A 273 10.84 -7.91 -12.06
CA LEU A 273 11.06 -9.26 -11.54
C LEU A 273 10.05 -10.23 -12.10
N ALA A 274 10.53 -11.39 -12.51
CA ALA A 274 9.68 -12.47 -13.07
C ALA A 274 10.08 -13.86 -12.55
N THR A 275 9.60 -14.19 -11.35
CA THR A 275 9.94 -15.44 -10.69
C THR A 275 8.76 -16.35 -10.45
N GLN A 276 7.57 -15.94 -10.94
CA GLN A 276 6.29 -16.60 -10.65
C GLN A 276 5.62 -17.09 -11.92
N GLU A 277 5.43 -18.40 -12.02
CA GLU A 277 4.90 -18.95 -13.26
C GLU A 277 3.58 -18.30 -13.74
N ASN A 278 2.62 -18.16 -12.84
CA ASN A 278 1.26 -17.81 -13.25
C ASN A 278 1.14 -16.39 -13.80
N VAL A 279 2.06 -15.53 -13.40
CA VAL A 279 2.09 -14.12 -13.87
C VAL A 279 3.34 -13.77 -14.70
N ASN A 280 4.08 -14.79 -15.16
CA ASN A 280 5.23 -14.55 -16.03
C ASN A 280 4.82 -13.84 -17.31
N LEU A 281 3.84 -14.40 -18.02
CA LEU A 281 3.38 -13.73 -19.22
C LEU A 281 2.78 -12.35 -18.91
N SER A 282 2.02 -12.24 -17.83
CA SER A 282 1.43 -10.96 -17.46
C SER A 282 2.47 -9.85 -17.18
N ILE A 283 3.47 -10.15 -16.36
CA ILE A 283 4.47 -9.08 -16.05
C ILE A 283 5.30 -8.75 -17.32
N ARG A 284 5.52 -9.73 -18.18
CA ARG A 284 6.25 -9.43 -19.43
C ARG A 284 5.44 -8.55 -20.34
N GLY A 285 4.10 -8.71 -20.31
CA GLY A 285 3.25 -7.76 -21.00
C GLY A 285 3.34 -6.35 -20.47
N ASN A 286 3.39 -6.21 -19.14
CA ASN A 286 3.57 -4.90 -18.52
C ASN A 286 4.90 -4.30 -18.90
N VAL A 287 5.93 -5.12 -19.03
CA VAL A 287 7.23 -4.61 -19.46
C VAL A 287 7.11 -4.07 -20.89
N LYS A 288 6.50 -4.85 -21.80
CA LYS A 288 6.27 -4.31 -23.15
C LYS A 288 5.64 -2.91 -23.15
N GLU A 289 4.63 -2.73 -22.31
CA GLU A 289 3.88 -1.49 -22.23
C GLU A 289 4.78 -0.29 -21.88
N VAL A 290 5.65 -0.47 -20.92
CA VAL A 290 6.56 0.62 -20.57
C VAL A 290 7.70 0.80 -21.57
N VAL A 291 8.17 -0.29 -22.15
CA VAL A 291 9.17 -0.22 -23.20
C VAL A 291 8.63 0.58 -24.40
N ALA A 292 7.34 0.43 -24.69
CA ALA A 292 6.71 1.22 -25.79
C ALA A 292 6.88 2.71 -25.59
N ARG A 293 6.98 3.15 -24.33
CA ARG A 293 7.03 4.58 -23.96
C ARG A 293 8.41 5.09 -23.66
N GLY A 294 9.44 4.31 -23.91
CA GLY A 294 10.82 4.73 -23.80
C GLY A 294 11.62 3.96 -22.74
N ALA A 295 10.97 3.15 -21.90
CA ALA A 295 11.64 2.53 -20.75
C ALA A 295 12.82 1.63 -21.15
N HIS A 296 13.84 1.60 -20.30
CA HIS A 296 15.02 0.74 -20.49
C HIS A 296 14.83 -0.46 -19.57
N PRO A 297 14.58 -1.67 -20.11
CA PRO A 297 14.10 -2.75 -19.23
C PRO A 297 15.16 -3.69 -18.67
N CYS A 298 15.20 -3.82 -17.33
CA CYS A 298 16.08 -4.76 -16.67
C CYS A 298 15.23 -5.87 -16.15
N ILE A 299 15.08 -6.94 -16.93
CA ILE A 299 14.29 -8.08 -16.47
C ILE A 299 15.18 -9.09 -15.74
N ILE A 300 14.80 -9.37 -14.51
CA ILE A 300 15.44 -10.35 -13.65
C ILE A 300 14.46 -11.48 -13.47
N SER A 301 14.79 -12.61 -14.08
CA SER A 301 13.87 -13.75 -14.07
C SER A 301 14.52 -14.94 -13.38
N MSE A 302 13.89 -16.12 -13.41
CA MSE A 302 14.38 -17.31 -12.72
C MSE A 302 14.41 -18.44 -13.70
O MSE A 302 13.55 -18.50 -14.59
CB MSE A 302 13.50 -17.60 -11.51
CG MSE A 302 13.93 -18.87 -10.82
SE MSE A 302 13.03 -19.04 -9.06
CE MSE A 302 11.36 -19.80 -9.66
N GLU A 303 15.38 -19.34 -13.55
CA GLU A 303 15.46 -20.55 -14.39
C GLU A 303 14.13 -21.23 -14.43
N GLY A 304 13.72 -21.58 -15.66
CA GLY A 304 12.41 -22.18 -15.98
C GLY A 304 11.43 -21.16 -16.55
N LEU A 305 11.64 -19.88 -16.29
CA LEU A 305 10.72 -18.80 -16.69
C LEU A 305 11.40 -17.77 -17.59
N GLU A 306 12.68 -17.95 -17.84
CA GLU A 306 13.44 -16.99 -18.58
C GLU A 306 13.12 -17.03 -20.07
N LYS A 307 13.34 -15.88 -20.68
CA LYS A 307 13.16 -15.66 -22.09
C LYS A 307 14.40 -15.00 -22.63
N GLU A 308 14.62 -15.17 -23.92
CA GLU A 308 15.70 -14.46 -24.58
C GLU A 308 15.57 -12.94 -24.33
N GLY A 309 16.69 -12.27 -24.06
CA GLY A 309 16.67 -10.83 -23.75
C GLY A 309 16.68 -10.48 -22.26
N ASP A 310 16.44 -11.45 -21.39
CA ASP A 310 16.38 -11.10 -19.92
C ASP A 310 17.74 -10.64 -19.47
N THR A 311 17.80 -9.67 -18.59
CA THR A 311 19.06 -9.07 -18.12
C THR A 311 19.85 -9.99 -17.19
N TYR A 312 19.16 -10.72 -16.34
CA TYR A 312 19.80 -11.71 -15.44
C TYR A 312 18.83 -12.80 -15.07
N VAL A 313 19.33 -14.03 -14.91
CA VAL A 313 18.48 -15.14 -14.55
C VAL A 313 19.01 -15.78 -13.25
N ILE A 314 18.20 -15.71 -12.22
CA ILE A 314 18.57 -16.26 -10.93
C ILE A 314 18.34 -17.77 -10.95
N PRO A 315 19.00 -18.52 -10.05
CA PRO A 315 18.77 -19.95 -9.97
C PRO A 315 17.40 -20.33 -9.50
N HIS A 316 16.91 -21.48 -9.92
CA HIS A 316 15.60 -22.01 -9.53
C HIS A 316 15.52 -22.37 -8.04
N VAL A 317 14.58 -21.76 -7.33
CA VAL A 317 14.25 -22.15 -5.96
C VAL A 317 12.72 -22.20 -5.82
N HIS A 318 12.26 -22.67 -4.66
CA HIS A 318 10.82 -22.77 -4.42
C HIS A 318 10.08 -21.46 -4.66
N GLU A 319 8.94 -21.53 -5.38
CA GLU A 319 8.15 -20.35 -5.73
C GLU A 319 7.89 -19.33 -4.64
N LEU A 320 7.75 -19.74 -3.38
CA LEU A 320 7.47 -18.77 -2.36
C LEU A 320 8.78 -18.23 -1.70
N LEU A 321 9.93 -18.89 -1.98
CA LEU A 321 11.24 -18.53 -1.45
C LEU A 321 12.07 -17.64 -2.33
N THR A 322 11.59 -17.39 -3.56
CA THR A 322 12.31 -16.59 -4.49
C THR A 322 12.79 -15.22 -3.98
N PRO A 323 11.99 -14.53 -3.13
CA PRO A 323 12.51 -13.28 -2.52
C PRO A 323 13.87 -13.34 -1.85
N LEU A 324 14.18 -14.45 -1.20
CA LEU A 324 15.47 -14.64 -0.55
C LEU A 324 16.64 -14.51 -1.51
N VAL A 325 16.41 -14.85 -2.79
CA VAL A 325 17.45 -14.80 -3.78
C VAL A 325 17.39 -13.52 -4.60
N SER A 326 16.21 -13.18 -5.12
CA SER A 326 16.05 -12.03 -5.99
C SER A 326 16.49 -10.73 -5.28
N VAL A 327 16.17 -10.59 -3.99
CA VAL A 327 16.52 -9.39 -3.28
C VAL A 327 18.02 -9.15 -3.26
N VAL A 328 18.82 -10.22 -3.23
CA VAL A 328 20.27 -10.03 -3.14
C VAL A 328 20.73 -9.36 -4.43
N ALA A 329 20.18 -9.77 -5.58
CA ALA A 329 20.54 -9.06 -6.81
C ALA A 329 20.24 -7.57 -6.67
N LEU A 330 19.06 -7.25 -6.16
CA LEU A 330 18.65 -5.83 -6.03
C LEU A 330 19.52 -5.06 -5.03
N GLN A 331 19.90 -5.70 -3.93
CA GLN A 331 20.82 -5.08 -2.96
C GLN A 331 22.13 -4.70 -3.62
N LEU A 332 22.68 -5.65 -4.40
CA LEU A 332 24.00 -5.41 -5.02
C LEU A 332 23.89 -4.34 -6.10
N ILE A 333 22.87 -4.43 -6.96
CA ILE A 333 22.66 -3.40 -8.00
C ILE A 333 22.59 -2.03 -7.32
N SER A 334 21.82 -1.97 -6.24
CA SER A 334 21.67 -0.67 -5.48
C SER A 334 22.98 -0.15 -4.92
N TYR A 335 23.73 -1.05 -4.24
CA TYR A 335 25.05 -0.76 -3.75
C TYR A 335 25.94 -0.12 -4.84
N TYR A 336 26.03 -0.78 -6.00
CA TYR A 336 26.92 -0.28 -7.04
C TYR A 336 26.46 1.02 -7.66
N ALA A 337 25.15 1.21 -7.84
CA ALA A 337 24.62 2.48 -8.32
C ALA A 337 25.06 3.57 -7.41
N ALA A 338 24.95 3.34 -6.10
CA ALA A 338 25.41 4.36 -5.15
C ALA A 338 26.92 4.65 -5.23
N LEU A 339 27.73 3.59 -5.30
CA LEU A 339 29.15 3.70 -5.43
C LEU A 339 29.50 4.59 -6.65
N HIS A 340 28.90 4.25 -7.80
CA HIS A 340 29.20 4.93 -9.07
C HIS A 340 28.84 6.39 -9.01
N ARG A 341 27.77 6.70 -8.33
CA ARG A 341 27.25 8.04 -8.33
C ARG A 341 27.98 8.90 -7.32
N ASP A 342 28.66 8.26 -6.39
CA ASP A 342 29.47 8.93 -5.41
C ASP A 342 30.91 8.99 -5.92
N LYS B 3 -14.22 27.07 -27.33
CA LYS B 3 -15.61 27.32 -26.82
C LYS B 3 -15.77 26.54 -25.56
N GLY B 4 -16.66 26.99 -24.70
CA GLY B 4 -16.96 26.24 -23.51
C GLY B 4 -16.75 27.08 -22.27
N VAL B 5 -17.62 26.90 -21.29
CA VAL B 5 -17.55 27.69 -20.05
C VAL B 5 -16.24 27.41 -19.30
N TYR B 6 -15.86 26.13 -19.22
CA TYR B 6 -14.64 25.69 -18.49
C TYR B 6 -13.56 25.35 -19.50
N ALA B 7 -12.31 25.66 -19.17
CA ALA B 7 -11.17 25.39 -20.04
C ALA B 7 -10.97 23.90 -20.27
N HIS B 8 -11.36 23.09 -19.30
CA HIS B 8 -11.22 21.61 -19.36
C HIS B 8 -12.38 20.90 -18.75
N TYR B 9 -12.64 19.70 -19.23
CA TYR B 9 -13.64 18.86 -18.64
C TYR B 9 -13.32 18.61 -17.18
N MSE B 10 -12.05 18.41 -16.84
CA MSE B 10 -11.70 18.11 -15.45
C MSE B 10 -12.13 19.19 -14.52
O MSE B 10 -12.56 18.92 -13.42
CB MSE B 10 -10.20 17.89 -15.22
CG MSE B 10 -9.93 17.15 -13.91
SE MSE B 10 -7.95 17.14 -13.66
CE MSE B 10 -7.89 16.60 -11.72
N LEU B 11 -11.99 20.44 -14.97
CA LEU B 11 -12.35 21.60 -14.10
C LEU B 11 -13.86 21.69 -13.92
N LYS B 12 -14.59 21.43 -15.02
CA LYS B 12 -16.03 21.32 -14.98
C LYS B 12 -16.45 20.24 -13.99
N GLU B 13 -15.76 19.09 -14.03
CA GLU B 13 -16.16 17.95 -13.21
C GLU B 13 -15.86 18.23 -11.73
N ILE B 14 -14.78 18.94 -11.47
CA ILE B 14 -14.50 19.32 -10.07
C ILE B 14 -15.63 20.25 -9.55
N HIS B 15 -16.03 21.22 -10.39
CA HIS B 15 -17.13 22.15 -10.05
C HIS B 15 -18.49 21.47 -9.87
N GLU B 16 -18.65 20.29 -10.47
CA GLU B 16 -19.89 19.51 -10.40
C GLU B 16 -20.02 18.70 -9.10
N GLN B 17 -18.95 18.60 -8.29
CA GLN B 17 -18.98 17.76 -7.08
C GLN B 17 -20.09 18.10 -6.13
N PRO B 18 -20.34 19.42 -5.89
CA PRO B 18 -21.51 19.68 -5.02
C PRO B 18 -22.84 19.19 -5.59
N ALA B 19 -23.03 19.32 -6.92
CA ALA B 19 -24.24 18.80 -7.52
C ALA B 19 -24.36 17.29 -7.38
N VAL B 20 -23.24 16.58 -7.46
CA VAL B 20 -23.21 15.10 -7.29
C VAL B 20 -23.59 14.77 -5.87
N MSE B 21 -23.02 15.47 -4.87
CA MSE B 21 -23.41 15.20 -3.51
C MSE B 21 -24.90 15.39 -3.32
O MSE B 21 -25.57 14.57 -2.66
CB MSE B 21 -22.67 16.13 -2.51
CG MSE B 21 -21.20 16.08 -2.47
SE MSE B 21 -20.60 14.36 -1.69
CE MSE B 21 -20.14 13.57 -3.46
N ARG B 22 -25.44 16.49 -3.87
N ARG B 22 -25.45 16.47 -3.88
CA ARG B 22 -26.87 16.74 -3.74
CA ARG B 22 -26.89 16.71 -3.72
C ARG B 22 -27.71 15.63 -4.39
C ARG B 22 -27.73 15.63 -4.39
N ARG B 23 -27.29 15.12 -5.54
CA ARG B 23 -28.00 14.00 -6.21
C ARG B 23 -27.99 12.73 -5.34
N ILE B 24 -26.86 12.44 -4.72
CA ILE B 24 -26.70 11.30 -3.84
C ILE B 24 -27.60 11.44 -2.62
N ILE B 25 -27.61 12.63 -2.03
CA ILE B 25 -28.43 12.87 -0.86
C ILE B 25 -29.89 12.63 -1.16
N GLN B 26 -30.35 13.08 -2.34
N GLN B 26 -30.33 13.09 -2.34
CA GLN B 26 -31.74 12.93 -2.70
CA GLN B 26 -31.69 12.95 -2.81
C GLN B 26 -32.08 11.47 -3.05
C GLN B 26 -32.06 11.49 -3.07
N GLU B 27 -31.20 10.81 -3.80
CA GLU B 27 -31.48 9.43 -4.26
C GLU B 27 -31.50 8.43 -3.09
N TYR B 28 -30.70 8.67 -2.07
CA TYR B 28 -30.55 7.70 -0.95
C TYR B 28 -31.31 8.15 0.32
N GLN B 29 -32.43 8.82 0.15
CA GLN B 29 -33.34 9.03 1.26
C GLN B 29 -34.79 8.79 0.80
N ASP B 30 -35.65 8.45 1.76
CA ASP B 30 -37.09 8.26 1.44
C ASP B 30 -37.88 9.56 1.60
N ALA B 31 -39.18 9.49 1.28
CA ALA B 31 -40.02 10.66 1.32
C ALA B 31 -40.04 11.28 2.72
N GLU B 32 -39.77 10.50 3.74
CA GLU B 32 -39.72 11.01 5.12
C GLU B 32 -38.36 11.59 5.53
N GLY B 33 -37.39 11.43 4.64
CA GLY B 33 -36.02 11.96 4.85
C GLY B 33 -35.12 11.06 5.64
N ASN B 34 -35.44 9.77 5.69
CA ASN B 34 -34.53 8.82 6.32
C ASN B 34 -33.63 8.18 5.24
N LEU B 35 -32.39 7.83 5.61
CA LEU B 35 -31.53 7.08 4.68
C LEU B 35 -32.25 5.85 4.15
N LYS B 36 -32.07 5.57 2.86
CA LYS B 36 -32.78 4.47 2.19
C LYS B 36 -31.91 3.80 1.15
N ILE B 37 -31.63 2.54 1.38
CA ILE B 37 -31.12 1.62 0.43
C ILE B 37 -31.99 0.36 0.46
N ASP B 38 -32.09 -0.30 -0.68
CA ASP B 38 -32.85 -1.53 -0.77
C ASP B 38 -32.48 -2.48 0.34
N GLN B 39 -33.50 -3.00 1.00
CA GLN B 39 -33.24 -3.78 2.22
C GLN B 39 -32.50 -5.08 1.93
N ASP B 40 -32.67 -5.66 0.75
CA ASP B 40 -31.97 -6.92 0.45
C ASP B 40 -30.46 -6.72 0.40
N ILE B 41 -30.04 -5.53 -0.02
CA ILE B 41 -28.61 -5.19 -0.05
C ILE B 41 -28.16 -5.11 1.40
N ILE B 42 -28.92 -4.38 2.20
CA ILE B 42 -28.57 -4.22 3.60
C ILE B 42 -28.51 -5.56 4.33
N ASN B 43 -29.47 -6.43 4.05
CA ASN B 43 -29.48 -7.75 4.69
C ASN B 43 -28.22 -8.56 4.41
N ASP B 44 -27.73 -8.53 3.16
CA ASP B 44 -26.52 -9.32 2.85
C ASP B 44 -25.30 -8.66 3.48
N VAL B 45 -25.26 -7.34 3.45
CA VAL B 45 -24.13 -6.65 3.99
C VAL B 45 -24.03 -6.90 5.47
N LYS B 46 -25.15 -6.78 6.20
CA LYS B 46 -25.11 -6.90 7.64
C LYS B 46 -24.82 -8.30 8.13
N GLU B 47 -25.06 -9.31 7.29
CA GLU B 47 -24.73 -10.70 7.64
C GLU B 47 -23.32 -11.19 7.27
N ALA B 48 -22.61 -10.42 6.48
CA ALA B 48 -21.23 -10.77 6.06
C ALA B 48 -20.33 -10.81 7.28
N ASP B 49 -19.38 -11.73 7.31
CA ASP B 49 -18.38 -11.68 8.42
C ASP B 49 -17.14 -10.83 8.12
N ARG B 50 -16.95 -10.54 6.84
CA ARG B 50 -15.85 -9.76 6.37
C ARG B 50 -16.17 -9.21 5.00
N ILE B 51 -15.74 -7.99 4.74
CA ILE B 51 -15.88 -7.43 3.40
C ILE B 51 -14.54 -7.33 2.74
N TYR B 52 -14.51 -7.73 1.46
CA TYR B 52 -13.35 -7.58 0.60
C TYR B 52 -13.70 -6.58 -0.49
N VAL B 53 -13.11 -5.40 -0.40
CA VAL B 53 -13.25 -4.39 -1.44
C VAL B 53 -12.25 -4.62 -2.53
N ILE B 54 -12.74 -4.74 -3.78
CA ILE B 54 -11.92 -5.11 -4.94
C ILE B 54 -11.96 -3.91 -5.91
N ALA B 55 -10.81 -3.30 -6.18
CA ALA B 55 -10.77 -2.08 -6.99
C ALA B 55 -9.36 -1.80 -7.49
N ALA B 56 -9.18 -0.63 -8.13
CA ALA B 56 -7.89 -0.22 -8.65
C ALA B 56 -7.82 1.30 -8.75
N GLY B 57 -6.60 1.83 -8.65
CA GLY B 57 -6.43 3.23 -8.89
C GLY B 57 -7.27 4.04 -7.95
N THR B 58 -7.92 5.07 -8.52
CA THR B 58 -8.74 5.99 -7.73
C THR B 58 -9.88 5.26 -6.93
N SER B 59 -10.47 4.20 -7.50
N SER B 59 -10.48 4.21 -7.49
CA SER B 59 -11.50 3.40 -6.81
CA SER B 59 -11.52 3.46 -6.78
C SER B 59 -10.94 2.64 -5.63
C SER B 59 -10.95 2.63 -5.63
N TYR B 60 -9.68 2.20 -5.74
CA TYR B 60 -8.98 1.56 -4.63
C TYR B 60 -8.78 2.58 -3.51
N HIS B 61 -8.42 3.79 -3.89
CA HIS B 61 -8.24 4.86 -2.92
C HIS B 61 -9.56 5.22 -2.25
N ALA B 62 -10.64 5.24 -3.01
CA ALA B 62 -11.96 5.45 -2.37
C ALA B 62 -12.32 4.31 -1.43
N GLY B 63 -11.98 3.10 -1.80
CA GLY B 63 -12.17 1.98 -0.95
C GLY B 63 -11.45 2.10 0.36
N LEU B 64 -10.23 2.59 0.34
CA LEU B 64 -9.51 2.84 1.62
C LEU B 64 -10.28 3.74 2.57
N VAL B 65 -10.85 4.81 2.03
CA VAL B 65 -11.63 5.74 2.85
C VAL B 65 -12.88 5.02 3.36
N GLY B 66 -13.54 4.26 2.47
CA GLY B 66 -14.77 3.58 2.82
C GLY B 66 -14.64 2.51 3.90
N LYS B 67 -13.50 1.84 3.92
CA LYS B 67 -13.17 0.87 4.97
C LYS B 67 -13.29 1.47 6.35
N GLU B 68 -12.99 2.78 6.50
CA GLU B 68 -13.14 3.33 7.79
C GLU B 68 -14.63 3.31 8.23
N PHE B 69 -15.53 3.65 7.33
CA PHE B 69 -16.98 3.64 7.67
C PHE B 69 -17.47 2.18 7.94
N LEU B 70 -17.08 1.29 7.06
CA LEU B 70 -17.57 -0.05 7.17
C LEU B 70 -17.16 -0.73 8.50
N GLU B 71 -15.94 -0.47 8.95
CA GLU B 71 -15.53 -1.00 10.23
C GLU B 71 -16.08 -0.20 11.44
N LYS B 72 -15.97 1.13 11.40
CA LYS B 72 -16.25 1.94 12.60
C LYS B 72 -17.74 2.19 12.81
N TRP B 73 -18.49 2.18 11.72
CA TRP B 73 -19.93 2.34 11.80
C TRP B 73 -20.61 0.98 11.62
N ALA B 74 -20.46 0.37 10.47
CA ALA B 74 -21.13 -0.92 10.21
C ALA B 74 -20.62 -2.08 11.06
N GLY B 75 -19.38 -1.98 11.58
CA GLY B 75 -18.82 -3.01 12.47
C GLY B 75 -18.43 -4.31 11.78
N VAL B 76 -18.15 -4.22 10.48
CA VAL B 76 -17.70 -5.38 9.70
C VAL B 76 -16.21 -5.26 9.28
N PRO B 77 -15.37 -6.24 9.65
CA PRO B 77 -13.98 -6.16 9.27
C PRO B 77 -13.85 -6.10 7.76
N THR B 78 -13.02 -5.19 7.29
CA THR B 78 -12.92 -4.83 5.89
C THR B 78 -11.45 -4.79 5.38
N GLU B 79 -11.23 -5.44 4.24
CA GLU B 79 -9.94 -5.45 3.56
C GLU B 79 -10.13 -4.83 2.20
N VAL B 80 -9.10 -4.10 1.74
CA VAL B 80 -9.16 -3.43 0.44
C VAL B 80 -7.99 -3.99 -0.39
N HIS B 81 -8.30 -4.46 -1.60
CA HIS B 81 -7.36 -5.14 -2.48
C HIS B 81 -7.36 -4.58 -3.89
N VAL B 82 -6.17 -4.58 -4.48
CA VAL B 82 -5.99 -4.28 -5.89
C VAL B 82 -6.38 -5.48 -6.72
N ALA B 83 -7.33 -5.28 -7.63
CA ALA B 83 -7.87 -6.40 -8.36
C ALA B 83 -6.86 -7.19 -9.18
N SER B 84 -5.88 -6.52 -9.81
CA SER B 84 -4.88 -7.23 -10.62
C SER B 84 -3.99 -8.19 -9.79
N GLU B 85 -3.84 -7.88 -8.52
CA GLU B 85 -3.14 -8.73 -7.57
C GLU B 85 -4.02 -9.85 -7.05
N PHE B 86 -5.24 -9.49 -6.68
CA PHE B 86 -6.17 -10.42 -6.04
C PHE B 86 -6.47 -11.57 -6.97
N VAL B 87 -6.57 -11.29 -8.27
CA VAL B 87 -7.05 -12.33 -9.16
C VAL B 87 -5.97 -13.38 -9.39
N TYR B 88 -4.70 -13.02 -9.31
CA TYR B 88 -3.61 -13.96 -9.45
C TYR B 88 -3.06 -14.56 -8.16
N ASN B 89 -3.55 -14.08 -7.02
CA ASN B 89 -3.09 -14.56 -5.76
C ASN B 89 -4.15 -14.38 -4.68
N MSE B 90 -5.25 -15.08 -4.87
CA MSE B 90 -6.40 -14.86 -4.00
C MSE B 90 -6.03 -15.42 -2.65
O MSE B 90 -5.51 -16.56 -2.55
CB MSE B 90 -7.66 -15.56 -4.50
CG MSE B 90 -8.83 -14.89 -3.81
SE MSE B 90 -10.51 -15.56 -4.63
CE MSE B 90 -10.21 -14.83 -6.44
N PRO B 91 -6.24 -14.63 -1.61
CA PRO B 91 -5.85 -15.07 -0.26
C PRO B 91 -6.89 -15.96 0.39
N LEU B 92 -6.58 -16.45 1.60
CA LEU B 92 -7.53 -17.22 2.36
C LEU B 92 -8.75 -16.34 2.68
N LEU B 93 -9.95 -16.90 2.51
CA LEU B 93 -11.18 -16.16 2.72
C LEU B 93 -11.94 -16.57 3.96
N SER B 94 -12.72 -15.63 4.48
CA SER B 94 -13.57 -15.86 5.65
C SER B 94 -14.77 -16.76 5.26
N GLU B 95 -15.58 -17.12 6.23
CA GLU B 95 -16.65 -18.09 6.00
C GLU B 95 -17.79 -17.50 5.21
N LYS B 96 -18.15 -16.25 5.50
CA LYS B 96 -19.27 -15.57 4.81
C LYS B 96 -18.82 -14.23 4.25
N PRO B 97 -17.89 -14.27 3.30
CA PRO B 97 -17.33 -13.03 2.79
C PRO B 97 -18.30 -12.33 1.86
N LEU B 98 -18.26 -11.02 1.84
CA LEU B 98 -18.95 -10.20 0.83
C LEU B 98 -17.97 -9.36 0.05
N PHE B 99 -18.07 -9.44 -1.28
CA PHE B 99 -17.17 -8.77 -2.18
C PHE B 99 -17.80 -7.51 -2.70
N VAL B 100 -17.10 -6.38 -2.49
CA VAL B 100 -17.60 -5.11 -2.97
C VAL B 100 -16.71 -4.60 -4.13
N TYR B 101 -17.28 -4.56 -5.33
CA TYR B 101 -16.58 -4.13 -6.54
C TYR B 101 -16.89 -2.63 -6.79
N ILE B 102 -15.88 -1.79 -6.65
CA ILE B 102 -16.05 -0.35 -6.90
C ILE B 102 -15.47 -0.11 -8.27
N SER B 103 -16.31 0.40 -9.16
CA SER B 103 -15.90 0.63 -10.53
C SER B 103 -16.79 1.66 -11.17
N GLN B 104 -16.22 2.80 -11.53
CA GLN B 104 -16.98 3.87 -12.18
C GLN B 104 -17.70 3.34 -13.41
N SER B 105 -16.96 2.65 -14.27
CA SER B 105 -17.55 2.22 -15.56
C SER B 105 -18.39 0.96 -15.47
N GLY B 106 -18.10 0.15 -14.47
CA GLY B 106 -18.70 -1.09 -14.35
C GLY B 106 -18.13 -2.19 -15.21
N GLU B 107 -17.01 -1.91 -15.88
CA GLU B 107 -16.48 -2.87 -16.87
C GLU B 107 -14.99 -3.20 -16.64
N THR B 108 -14.40 -2.62 -15.60
CA THR B 108 -12.99 -2.83 -15.31
C THR B 108 -12.58 -4.33 -15.42
N ALA B 109 -11.60 -4.65 -16.25
CA ALA B 109 -11.38 -6.06 -16.61
C ALA B 109 -10.94 -6.96 -15.47
N ASP B 110 -9.94 -6.48 -14.70
CA ASP B 110 -9.47 -7.29 -13.58
C ASP B 110 -10.55 -7.50 -12.51
N SER B 111 -11.41 -6.51 -12.28
CA SER B 111 -12.54 -6.65 -11.37
C SER B 111 -13.54 -7.66 -11.90
N ARG B 112 -13.81 -7.60 -13.20
CA ARG B 112 -14.65 -8.61 -13.78
C ARG B 112 -14.09 -10.02 -13.63
N ALA B 113 -12.77 -10.21 -13.71
CA ALA B 113 -12.21 -11.57 -13.59
C ALA B 113 -12.35 -12.06 -12.14
N VAL B 114 -12.17 -11.13 -11.18
CA VAL B 114 -12.36 -11.49 -9.78
C VAL B 114 -13.81 -11.91 -9.54
N LEU B 115 -14.74 -11.19 -10.12
CA LEU B 115 -16.17 -11.49 -9.90
C LEU B 115 -16.57 -12.82 -10.52
N VAL B 116 -16.01 -13.13 -11.67
CA VAL B 116 -16.15 -14.49 -12.20
C VAL B 116 -15.75 -15.56 -11.13
N GLU B 117 -14.61 -15.37 -10.48
CA GLU B 117 -14.11 -16.29 -9.50
C GLU B 117 -14.94 -16.30 -8.22
N THR B 118 -15.27 -15.13 -7.66
CA THR B 118 -16.09 -15.18 -6.45
C THR B 118 -17.51 -15.74 -6.73
N ASN B 119 -18.03 -15.54 -7.93
CA ASN B 119 -19.29 -16.17 -8.34
C ASN B 119 -19.14 -17.70 -8.42
N LYS B 120 -18.05 -18.15 -9.05
CA LYS B 120 -17.74 -19.59 -9.11
C LYS B 120 -17.69 -20.21 -7.69
N LEU B 121 -17.12 -19.48 -6.74
CA LEU B 121 -17.02 -19.89 -5.32
C LEU B 121 -18.29 -19.72 -4.53
N GLY B 122 -19.29 -19.05 -5.10
CA GLY B 122 -20.61 -18.96 -4.50
C GLY B 122 -20.75 -17.87 -3.45
N HIS B 123 -19.85 -16.87 -3.46
CA HIS B 123 -19.95 -15.80 -2.49
C HIS B 123 -20.75 -14.61 -2.98
N LYS B 124 -21.32 -13.89 -2.04
CA LYS B 124 -22.12 -12.73 -2.41
C LYS B 124 -21.32 -11.50 -2.80
N SER B 125 -21.90 -10.71 -3.71
CA SER B 125 -21.24 -9.53 -4.26
C SER B 125 -22.13 -8.33 -4.37
N LEU B 126 -21.51 -7.15 -4.21
CA LEU B 126 -22.15 -5.85 -4.40
C LEU B 126 -21.31 -4.99 -5.29
N THR B 127 -21.88 -4.36 -6.32
CA THR B 127 -21.12 -3.48 -7.19
C THR B 127 -21.54 -2.04 -6.93
N ILE B 128 -20.56 -1.15 -6.79
CA ILE B 128 -20.79 0.30 -6.73
C ILE B 128 -20.26 0.88 -8.03
N THR B 129 -21.12 1.50 -8.81
CA THR B 129 -20.80 1.90 -10.16
C THR B 129 -21.64 3.06 -10.61
N ASN B 130 -21.18 3.72 -11.65
CA ASN B 130 -21.93 4.83 -12.21
C ASN B 130 -22.80 4.35 -13.39
N VAL B 131 -22.60 3.12 -13.87
CA VAL B 131 -23.28 2.69 -15.09
C VAL B 131 -24.20 1.51 -14.83
N ALA B 132 -25.51 1.79 -14.82
CA ALA B 132 -26.47 0.76 -14.56
C ALA B 132 -26.44 -0.25 -15.72
N GLY B 133 -26.59 -1.52 -15.43
CA GLY B 133 -26.56 -2.49 -16.55
C GLY B 133 -25.16 -2.75 -17.16
N SER B 134 -24.09 -2.18 -16.58
CA SER B 134 -22.73 -2.62 -16.90
C SER B 134 -22.53 -4.08 -16.40
N THR B 135 -21.49 -4.75 -16.89
CA THR B 135 -21.24 -6.11 -16.51
C THR B 135 -21.12 -6.35 -15.03
N LEU B 136 -20.39 -5.49 -14.32
CA LEU B 136 -20.22 -5.67 -12.89
C LEU B 136 -21.52 -5.55 -12.12
N SER B 137 -22.45 -4.77 -12.66
CA SER B 137 -23.77 -4.66 -12.06
C SER B 137 -24.59 -5.94 -12.34
N ARG B 138 -24.64 -6.33 -13.60
N ARG B 138 -24.64 -6.35 -13.60
CA ARG B 138 -25.41 -7.50 -14.02
CA ARG B 138 -25.44 -7.51 -13.99
C ARG B 138 -24.98 -8.79 -13.34
C ARG B 138 -24.99 -8.80 -13.34
N GLU B 139 -23.68 -8.93 -13.08
CA GLU B 139 -23.15 -10.17 -12.56
C GLU B 139 -23.03 -10.21 -11.05
N ALA B 140 -23.22 -9.07 -10.39
CA ALA B 140 -23.21 -9.06 -8.96
C ALA B 140 -24.61 -9.29 -8.37
N ASP B 141 -24.67 -9.70 -7.11
CA ASP B 141 -25.96 -9.88 -6.51
C ASP B 141 -26.72 -8.56 -6.38
N HIS B 142 -26.00 -7.45 -6.15
CA HIS B 142 -26.60 -6.12 -5.85
C HIS B 142 -25.79 -4.97 -6.47
N THR B 143 -26.45 -3.84 -6.71
CA THR B 143 -25.76 -2.66 -7.26
C THR B 143 -26.16 -1.46 -6.49
N LEU B 144 -25.23 -0.59 -6.20
CA LEU B 144 -25.53 0.81 -5.77
C LEU B 144 -25.00 1.73 -6.84
N LEU B 145 -25.82 2.71 -7.26
CA LEU B 145 -25.41 3.62 -8.32
C LEU B 145 -24.86 4.90 -7.72
N LEU B 146 -23.89 5.44 -8.40
CA LEU B 146 -23.23 6.68 -7.97
C LEU B 146 -23.91 7.99 -8.29
N HIS B 147 -24.71 8.05 -9.36
CA HIS B 147 -25.36 9.31 -9.78
C HIS B 147 -24.36 10.44 -10.03
N ALA B 148 -23.17 10.09 -10.48
CA ALA B 148 -22.15 11.10 -10.73
C ALA B 148 -22.32 11.78 -12.08
N GLY B 149 -22.99 11.08 -13.00
CA GLY B 149 -23.04 11.54 -14.39
C GLY B 149 -21.73 11.16 -15.07
N PRO B 150 -21.68 11.28 -16.43
CA PRO B 150 -20.49 10.90 -17.17
C PRO B 150 -19.22 11.69 -16.80
N GLU B 151 -18.14 10.95 -16.59
CA GLU B 151 -16.82 11.52 -16.37
C GLU B 151 -16.05 11.43 -17.67
N ILE B 152 -15.78 12.58 -18.26
CA ILE B 152 -15.06 12.70 -19.53
C ILE B 152 -13.54 12.79 -19.35
N ALA B 153 -13.09 13.55 -18.35
CA ALA B 153 -11.65 13.68 -18.07
C ALA B 153 -11.11 12.31 -17.64
N VAL B 154 -9.86 11.98 -17.99
CA VAL B 154 -9.32 10.69 -17.57
C VAL B 154 -9.08 10.64 -16.07
N ALA B 155 -8.57 11.72 -15.48
CA ALA B 155 -8.37 11.72 -14.01
C ALA B 155 -9.70 11.88 -13.30
N SER B 156 -10.10 10.84 -12.58
CA SER B 156 -11.34 10.85 -11.86
C SER B 156 -11.35 11.95 -10.74
N THR B 157 -12.47 12.66 -10.62
CA THR B 157 -12.68 13.62 -9.53
C THR B 157 -14.00 13.29 -8.89
N LYS B 158 -15.10 13.51 -9.60
CA LYS B 158 -16.39 13.34 -8.98
C LYS B 158 -16.69 11.85 -8.69
N ALA B 159 -16.06 10.91 -9.43
CA ALA B 159 -16.27 9.49 -9.08
C ALA B 159 -15.74 9.12 -7.68
N TYR B 160 -14.62 9.71 -7.32
CA TYR B 160 -14.02 9.44 -6.00
C TYR B 160 -14.91 9.93 -4.89
N THR B 161 -15.35 11.19 -4.97
CA THR B 161 -16.22 11.70 -3.91
C THR B 161 -17.59 10.99 -3.92
N ALA B 162 -18.10 10.64 -5.10
CA ALA B 162 -19.36 9.93 -5.12
C ALA B 162 -19.21 8.53 -4.46
N GLN B 163 -18.14 7.81 -4.78
CA GLN B 163 -17.89 6.49 -4.17
C GLN B 163 -17.82 6.53 -2.64
N ILE B 164 -17.08 7.49 -2.09
CA ILE B 164 -16.98 7.65 -0.66
C ILE B 164 -18.36 7.97 -0.04
N ALA B 165 -19.08 8.88 -0.65
CA ALA B 165 -20.38 9.27 -0.12
C ALA B 165 -21.33 8.10 -0.07
N VAL B 166 -21.34 7.32 -1.13
CA VAL B 166 -22.19 6.12 -1.14
C VAL B 166 -21.77 5.08 -0.10
N LEU B 167 -20.46 4.87 0.07
CA LEU B 167 -19.97 4.00 1.12
C LEU B 167 -20.36 4.46 2.51
N SER B 168 -20.39 5.79 2.75
CA SER B 168 -20.75 6.27 4.03
C SER B 168 -22.21 6.00 4.34
N ILE B 169 -23.04 6.07 3.30
CA ILE B 169 -24.49 5.89 3.48
C ILE B 169 -24.80 4.43 3.77
N LEU B 170 -24.23 3.55 2.94
CA LEU B 170 -24.34 2.10 3.15
C LEU B 170 -23.89 1.71 4.56
N SER B 171 -22.74 2.25 5.01
CA SER B 171 -22.22 1.87 6.31
C SER B 171 -23.16 2.35 7.45
N GLN B 172 -23.68 3.58 7.38
CA GLN B 172 -24.56 4.08 8.44
C GLN B 172 -25.88 3.35 8.51
N ILE B 173 -26.39 2.94 7.36
CA ILE B 173 -27.67 2.19 7.36
C ILE B 173 -27.49 0.79 8.02
N VAL B 174 -26.34 0.19 7.80
CA VAL B 174 -26.01 -1.13 8.38
C VAL B 174 -25.76 -0.92 9.88
N ALA B 175 -25.07 0.17 10.25
CA ALA B 175 -24.89 0.49 11.67
C ALA B 175 -26.23 0.45 12.37
N LYS B 176 -27.19 1.18 11.80
CA LYS B 176 -28.58 1.21 12.33
C LYS B 176 -29.21 -0.16 12.55
N GLU B 177 -29.05 -1.07 11.59
CA GLU B 177 -29.59 -2.42 11.73
C GLU B 177 -29.12 -3.14 13.00
N HIS B 178 -27.89 -2.83 13.45
CA HIS B 178 -27.31 -3.50 14.66
C HIS B 178 -27.47 -2.68 15.94
N GLU B 181 -24.91 2.08 15.38
CA GLU B 181 -25.33 3.30 14.70
C GLU B 181 -24.45 4.48 15.08
N ALA B 182 -23.72 5.03 14.14
CA ALA B 182 -22.97 6.26 14.44
C ALA B 182 -23.93 7.34 15.01
N ASP B 183 -23.53 7.95 16.13
CA ASP B 183 -24.31 9.01 16.74
C ASP B 183 -24.14 10.32 15.90
N ILE B 184 -24.58 10.25 14.65
CA ILE B 184 -24.54 11.38 13.73
C ILE B 184 -25.78 11.38 12.87
N ASP B 185 -26.12 12.54 12.34
CA ASP B 185 -27.18 12.66 11.37
C ASP B 185 -26.42 12.79 10.06
N LEU B 186 -26.29 11.67 9.35
CA LEU B 186 -25.34 11.63 8.24
C LEU B 186 -25.80 12.57 7.15
N LEU B 187 -27.10 12.62 6.86
CA LEU B 187 -27.54 13.54 5.78
C LEU B 187 -27.17 14.98 6.07
N ARG B 188 -27.28 15.37 7.34
CA ARG B 188 -26.86 16.71 7.78
C ARG B 188 -25.36 16.89 7.62
N GLU B 189 -24.60 15.86 7.99
CA GLU B 189 -23.16 15.90 7.86
C GLU B 189 -22.74 15.98 6.39
N LEU B 190 -23.42 15.25 5.50
CA LEU B 190 -23.10 15.36 4.09
C LEU B 190 -23.49 16.72 3.49
N ALA B 191 -24.53 17.36 4.01
CA ALA B 191 -24.85 18.73 3.56
C ALA B 191 -23.77 19.71 3.98
N LYS B 192 -23.24 19.51 5.17
CA LYS B 192 -22.07 20.27 5.62
C LYS B 192 -20.89 20.09 4.70
N VAL B 193 -20.67 18.86 4.25
CA VAL B 193 -19.61 18.54 3.32
C VAL B 193 -19.83 19.25 2.00
N THR B 194 -21.08 19.24 1.53
CA THR B 194 -21.35 19.89 0.27
C THR B 194 -20.94 21.35 0.26
N THR B 195 -21.36 22.03 1.33
CA THR B 195 -21.09 23.46 1.51
C THR B 195 -19.60 23.69 1.63
N ALA B 196 -18.90 22.76 2.30
CA ALA B 196 -17.43 22.85 2.39
C ALA B 196 -16.72 22.67 1.09
N ILE B 197 -17.17 21.71 0.26
CA ILE B 197 -16.64 21.56 -1.08
C ILE B 197 -16.82 22.86 -1.87
N GLU B 198 -18.01 23.47 -1.81
CA GLU B 198 -18.27 24.76 -2.43
C GLU B 198 -17.28 25.81 -2.00
N ALA B 199 -16.94 25.83 -0.71
CA ALA B 199 -15.99 26.81 -0.23
C ALA B 199 -14.60 26.65 -0.87
N ILE B 200 -14.16 25.41 -1.00
CA ILE B 200 -12.88 25.11 -1.67
C ILE B 200 -12.93 25.51 -3.14
N VAL B 201 -14.00 25.11 -3.83
CA VAL B 201 -14.17 25.48 -5.24
C VAL B 201 -14.14 27.00 -5.44
N ASP B 202 -14.78 27.73 -4.54
CA ASP B 202 -14.85 29.19 -4.62
C ASP B 202 -13.44 29.80 -4.35
N ASP B 203 -12.57 29.03 -3.68
CA ASP B 203 -11.16 29.41 -3.41
C ASP B 203 -10.21 28.86 -4.48
N ALA B 204 -10.74 28.47 -5.64
CA ALA B 204 -9.89 28.15 -6.76
C ALA B 204 -8.67 29.09 -6.96
N PRO B 205 -8.84 30.42 -6.91
CA PRO B 205 -7.65 31.30 -7.03
C PRO B 205 -6.55 31.01 -6.02
N ILE B 206 -6.91 30.61 -4.81
CA ILE B 206 -5.89 30.32 -3.80
C ILE B 206 -5.19 29.03 -4.17
N MSE B 207 -5.96 28.08 -4.68
CA MSE B 207 -5.41 26.81 -5.19
C MSE B 207 -4.47 27.00 -6.34
O MSE B 207 -3.38 26.40 -6.37
CB MSE B 207 -6.48 25.83 -5.67
CG MSE B 207 -7.52 25.52 -4.61
SE MSE B 207 -6.87 24.77 -2.92
CE MSE B 207 -7.50 26.20 -1.73
N GLU B 208 -4.79 27.95 -7.23
CA GLU B 208 -3.88 28.25 -8.34
C GLU B 208 -2.56 28.84 -7.79
N GLN B 209 -2.70 29.68 -6.77
CA GLN B 209 -1.52 30.33 -6.18
C GLN B 209 -0.60 29.30 -5.48
N ILE B 210 -1.21 28.38 -4.76
CA ILE B 210 -0.46 27.28 -4.11
C ILE B 210 0.35 26.50 -5.16
N ALA B 211 -0.30 26.16 -6.26
CA ALA B 211 0.43 25.52 -7.37
C ALA B 211 1.64 26.35 -7.82
N THR B 212 1.44 27.65 -7.95
CA THR B 212 2.49 28.52 -8.39
C THR B 212 3.64 28.53 -7.37
N ASP B 213 3.27 28.64 -6.11
CA ASP B 213 4.25 28.78 -5.02
C ASP B 213 5.04 27.50 -4.74
N PHE B 214 4.46 26.36 -5.01
CA PHE B 214 5.07 25.09 -4.59
C PHE B 214 5.51 24.16 -5.72
N LEU B 215 4.81 24.21 -6.85
CA LEU B 215 4.89 23.17 -7.85
C LEU B 215 5.32 23.64 -9.26
N GLU B 216 5.78 24.86 -9.37
CA GLU B 216 6.13 25.42 -10.67
C GLU B 216 7.31 24.72 -11.38
N THR B 217 8.35 24.35 -10.66
CA THR B 217 9.60 23.83 -11.25
C THR B 217 10.00 22.43 -10.82
N THR B 218 9.37 21.89 -9.77
CA THR B 218 9.81 20.64 -9.16
C THR B 218 9.65 19.47 -10.13
N ARG B 219 10.48 18.44 -10.01
CA ARG B 219 10.22 17.21 -10.71
C ARG B 219 9.49 16.19 -9.83
N ASN B 220 9.39 16.47 -8.55
CA ASN B 220 8.75 15.57 -7.60
C ASN B 220 7.93 16.30 -6.51
N ALA B 221 7.18 15.51 -5.75
CA ALA B 221 6.41 16.03 -4.64
C ALA B 221 6.04 14.91 -3.74
N PHE B 222 5.96 15.21 -2.46
CA PHE B 222 5.58 14.21 -1.47
C PHE B 222 4.35 14.68 -0.75
N PHE B 223 3.35 13.80 -0.76
CA PHE B 223 2.08 14.03 -0.07
C PHE B 223 2.12 13.14 1.18
N ILE B 224 1.98 13.76 2.35
CA ILE B 224 2.05 12.99 3.60
C ILE B 224 0.83 13.24 4.47
N GLY B 225 0.45 12.21 5.21
CA GLY B 225 -0.64 12.31 6.18
C GLY B 225 -0.55 11.09 7.05
N ARG B 226 -1.36 11.11 8.12
CA ARG B 226 -1.53 9.94 8.94
C ARG B 226 -3.03 9.52 8.92
N THR B 227 -3.22 8.24 9.17
CA THR B 227 -4.51 7.62 9.24
C THR B 227 -5.45 7.98 8.08
N ILE B 228 -6.58 8.60 8.40
CA ILE B 228 -7.59 9.03 7.35
C ILE B 228 -6.90 9.88 6.29
N ASP B 229 -5.93 10.71 6.73
CA ASP B 229 -5.22 11.59 5.81
C ASP B 229 -4.20 10.90 4.93
N TYR B 230 -3.67 9.74 5.36
CA TYR B 230 -2.72 8.99 4.56
C TYR B 230 -3.46 8.48 3.33
N ASN B 231 -4.68 8.04 3.55
CA ASN B 231 -5.48 7.53 2.37
C ASN B 231 -5.65 8.60 1.30
N VAL B 232 -5.99 9.81 1.72
CA VAL B 232 -6.18 10.92 0.80
C VAL B 232 -4.88 11.35 0.15
N SER B 233 -3.78 11.22 0.88
CA SER B 233 -2.46 11.50 0.33
C SER B 233 -2.11 10.69 -0.93
N LEU B 234 -2.53 9.42 -0.87
CA LEU B 234 -2.35 8.53 -1.99
C LEU B 234 -3.10 9.05 -3.20
N GLU B 235 -4.35 9.46 -3.00
CA GLU B 235 -5.13 9.99 -4.10
C GLU B 235 -4.59 11.33 -4.66
N GLY B 236 -4.19 12.25 -3.77
CA GLY B 236 -3.59 13.49 -4.27
C GLY B 236 -2.33 13.26 -5.11
N ALA B 237 -1.48 12.37 -4.65
CA ALA B 237 -0.29 11.96 -5.41
C ALA B 237 -0.66 11.35 -6.79
N LEU B 238 -1.66 10.47 -6.81
CA LEU B 238 -2.14 9.95 -8.07
C LEU B 238 -2.62 11.07 -8.98
N LYS B 239 -3.44 12.00 -8.49
CA LYS B 239 -3.96 13.08 -9.32
C LYS B 239 -2.82 13.91 -9.92
N LEU B 240 -1.84 14.26 -9.11
CA LEU B 240 -0.80 15.17 -9.53
C LEU B 240 0.06 14.46 -10.60
N LYS B 241 0.32 13.16 -10.43
CA LYS B 241 1.08 12.36 -11.41
C LYS B 241 0.36 12.22 -12.72
N GLU B 242 -0.89 11.79 -12.64
CA GLU B 242 -1.77 11.53 -13.78
C GLU B 242 -1.77 12.69 -14.78
N ILE B 243 -1.82 13.93 -14.28
CA ILE B 243 -2.02 15.09 -15.13
C ILE B 243 -0.86 16.07 -15.28
N SER B 244 0.02 16.14 -14.29
CA SER B 244 1.22 17.05 -14.42
C SER B 244 2.53 16.33 -14.74
N TYR B 245 2.56 15.01 -14.57
CA TYR B 245 3.82 14.18 -14.70
C TYR B 245 4.90 14.51 -13.71
N ILE B 246 4.56 15.21 -12.62
CA ILE B 246 5.41 15.35 -11.45
C ILE B 246 5.41 13.95 -10.80
N GLN B 247 6.60 13.51 -10.38
CA GLN B 247 6.72 12.19 -9.72
C GLN B 247 6.31 12.40 -8.28
N ALA B 248 5.00 12.33 -8.11
CA ALA B 248 4.38 12.56 -6.83
C ALA B 248 4.20 11.19 -6.17
N GLU B 249 4.42 11.18 -4.86
CA GLU B 249 4.32 9.97 -4.07
C GLU B 249 3.68 10.30 -2.73
N GLY B 250 2.83 9.40 -2.27
CA GLY B 250 2.14 9.54 -0.99
C GLY B 250 2.70 8.61 0.06
N PHE B 251 3.02 9.15 1.23
CA PHE B 251 3.62 8.40 2.34
C PHE B 251 2.86 8.61 3.64
N ALA B 252 2.79 7.54 4.42
CA ALA B 252 2.32 7.67 5.78
C ALA B 252 3.36 8.43 6.60
N GLY B 253 2.91 9.36 7.43
CA GLY B 253 3.80 10.30 8.14
C GLY B 253 4.87 9.58 8.95
N GLY B 254 4.45 8.54 9.65
CA GLY B 254 5.35 7.80 10.50
C GLY B 254 6.32 6.86 9.78
N GLU B 255 6.20 6.75 8.45
CA GLU B 255 7.07 5.91 7.64
C GLU B 255 8.14 6.71 6.85
N LEU B 256 8.12 8.01 6.91
CA LEU B 256 9.14 8.80 6.21
C LEU B 256 10.57 8.43 6.58
N LYS B 257 10.74 8.06 7.83
CA LYS B 257 12.06 7.69 8.34
C LYS B 257 12.82 6.65 7.48
N HIS B 258 12.06 5.77 6.81
CA HIS B 258 12.62 4.69 5.99
C HIS B 258 12.86 5.14 4.57
N GLY B 259 13.99 5.81 4.37
CA GLY B 259 14.47 6.09 3.02
C GLY B 259 14.02 7.38 2.45
N THR B 260 12.78 7.72 2.71
CA THR B 260 12.27 8.91 2.02
C THR B 260 12.86 10.21 2.61
N ILE B 261 13.06 10.27 3.94
CA ILE B 261 13.53 11.52 4.59
C ILE B 261 14.84 12.01 3.95
N ALA B 262 15.72 11.05 3.64
CA ALA B 262 16.94 11.22 2.85
C ALA B 262 16.76 11.99 1.54
N LEU B 263 15.62 11.78 0.88
CA LEU B 263 15.36 12.36 -0.42
C LEU B 263 15.08 13.88 -0.34
N ILE B 264 14.80 14.40 0.86
CA ILE B 264 14.44 15.82 0.96
C ILE B 264 15.65 16.70 0.62
N GLU B 265 15.44 17.73 -0.20
CA GLU B 265 16.46 18.74 -0.52
C GLU B 265 15.87 20.10 -0.25
N ASP B 266 16.70 21.14 -0.36
N ASP B 266 16.72 21.14 -0.35
CA ASP B 266 16.20 22.48 -0.16
CA ASP B 266 16.20 22.48 -0.23
C ASP B 266 15.21 22.84 -1.25
C ASP B 266 15.17 22.68 -1.29
N GLY B 267 13.95 23.02 -0.87
CA GLY B 267 12.88 23.35 -1.83
C GLY B 267 11.86 22.20 -2.14
N THR B 268 12.15 20.97 -1.71
CA THR B 268 11.30 19.86 -2.02
C THR B 268 9.90 20.16 -1.45
N PRO B 269 8.85 20.17 -2.31
CA PRO B 269 7.50 20.45 -1.81
C PRO B 269 6.91 19.24 -1.13
N VAL B 270 6.45 19.43 0.10
CA VAL B 270 5.79 18.40 0.88
C VAL B 270 4.40 18.93 1.21
N VAL B 271 3.37 18.27 0.68
CA VAL B 271 2.00 18.63 0.95
C VAL B 271 1.55 17.74 2.07
N ALA B 272 1.27 18.34 3.21
CA ALA B 272 0.90 17.62 4.42
C ALA B 272 -0.55 17.89 4.80
N LEU B 273 -1.30 16.83 4.96
CA LEU B 273 -2.69 16.91 5.42
C LEU B 273 -2.77 16.68 6.90
N ALA B 274 -3.51 17.56 7.58
CA ALA B 274 -3.74 17.46 9.04
C ALA B 274 -5.23 17.75 9.34
N THR B 275 -6.06 16.71 9.17
CA THR B 275 -7.50 16.80 9.47
C THR B 275 -7.99 15.94 10.63
N GLN B 276 -7.06 15.26 11.34
CA GLN B 276 -7.41 14.26 12.34
C GLN B 276 -6.81 14.69 13.67
N GLU B 277 -7.63 14.85 14.69
N GLU B 277 -7.65 14.81 14.67
CA GLU B 277 -7.12 15.32 16.00
CA GLU B 277 -7.16 15.29 15.93
C GLU B 277 -6.01 14.47 16.61
C GLU B 277 -6.02 14.47 16.55
N ASN B 278 -6.19 13.15 16.61
CA ASN B 278 -5.28 12.30 17.35
C ASN B 278 -3.89 12.27 16.81
N VAL B 279 -3.72 12.63 15.53
CA VAL B 279 -2.40 12.59 14.87
C VAL B 279 -1.98 13.97 14.37
N ASN B 280 -2.69 15.00 14.83
CA ASN B 280 -2.38 16.37 14.44
C ASN B 280 -0.98 16.76 14.89
N LEU B 281 -0.66 16.57 16.18
CA LEU B 281 0.69 16.85 16.56
C LEU B 281 1.74 15.95 15.91
N SER B 282 1.42 14.67 15.75
CA SER B 282 2.34 13.75 15.10
C SER B 282 2.70 14.12 13.69
N ILE B 283 1.67 14.40 12.88
CA ILE B 283 1.96 14.74 11.45
C ILE B 283 2.72 16.07 11.44
N ARG B 284 2.41 16.98 12.36
CA ARG B 284 3.16 18.25 12.38
C ARG B 284 4.63 18.09 12.77
N GLY B 285 4.89 17.11 13.64
CA GLY B 285 6.23 16.66 13.91
C GLY B 285 6.98 16.11 12.73
N ASN B 286 6.31 15.30 11.90
CA ASN B 286 6.91 14.87 10.71
C ASN B 286 7.24 16.00 9.76
N VAL B 287 6.38 17.00 9.69
CA VAL B 287 6.62 18.15 8.87
C VAL B 287 7.88 18.89 9.42
N LYS B 288 7.98 19.04 10.73
CA LYS B 288 9.17 19.73 11.27
C LYS B 288 10.48 19.00 10.89
N GLU B 289 10.42 17.67 10.82
N GLU B 289 10.45 17.66 10.84
CA GLU B 289 11.55 16.86 10.44
CA GLU B 289 11.61 16.88 10.41
C GLU B 289 11.96 17.04 8.96
C GLU B 289 11.98 17.16 8.96
N VAL B 290 11.01 17.21 8.07
CA VAL B 290 11.33 17.42 6.64
C VAL B 290 11.76 18.84 6.41
N VAL B 291 11.16 19.80 7.14
CA VAL B 291 11.56 21.21 7.10
C VAL B 291 13.02 21.40 7.53
N ALA B 292 13.47 20.67 8.56
CA ALA B 292 14.87 20.78 9.02
C ALA B 292 15.84 20.34 7.94
N ARG B 293 15.35 19.62 6.96
CA ARG B 293 16.16 19.08 5.90
C ARG B 293 15.99 19.84 4.61
N GLY B 294 15.22 20.90 4.65
CA GLY B 294 15.07 21.80 3.50
C GLY B 294 13.68 21.88 2.89
N ALA B 295 12.75 21.04 3.30
CA ALA B 295 11.48 20.99 2.59
C ALA B 295 10.75 22.33 2.68
N HIS B 296 9.95 22.58 1.64
CA HIS B 296 9.01 23.68 1.53
C HIS B 296 7.65 23.16 1.91
N PRO B 297 7.16 23.46 3.14
CA PRO B 297 5.94 22.75 3.55
C PRO B 297 4.59 23.44 3.17
N CYS B 298 3.67 22.66 2.56
CA CYS B 298 2.35 23.12 2.26
C CYS B 298 1.42 22.35 3.16
N ILE B 299 1.08 22.92 4.31
CA ILE B 299 0.20 22.24 5.24
C ILE B 299 -1.24 22.64 4.98
N ILE B 300 -2.08 21.65 4.70
CA ILE B 300 -3.52 21.78 4.58
C ILE B 300 -4.18 21.15 5.80
N SER B 301 -4.77 22.00 6.63
CA SER B 301 -5.38 21.59 7.84
C SER B 301 -6.85 21.93 7.82
N MSE B 302 -7.46 21.77 8.99
CA MSE B 302 -8.92 21.85 9.13
C MSE B 302 -9.23 22.73 10.30
O MSE B 302 -8.47 22.75 11.31
CB MSE B 302 -9.64 20.49 9.32
CG MSE B 302 -11.12 20.70 9.42
SE MSE B 302 -12.04 18.93 9.10
CE MSE B 302 -11.79 18.26 10.88
N GLU B 303 -10.30 23.53 10.16
CA GLU B 303 -10.76 24.42 11.24
C GLU B 303 -10.86 23.67 12.57
N GLY B 304 -10.18 24.18 13.60
CA GLY B 304 -10.13 23.48 14.90
C GLY B 304 -8.80 22.83 15.19
N LEU B 305 -8.05 22.55 14.13
CA LEU B 305 -6.72 21.87 14.20
C LEU B 305 -5.58 22.73 13.63
N GLU B 306 -5.90 23.94 13.14
CA GLU B 306 -4.93 24.68 12.37
C GLU B 306 -3.95 25.41 13.28
N LYS B 307 -2.80 25.74 12.71
CA LYS B 307 -1.72 26.39 13.42
C LYS B 307 -1.19 27.54 12.59
N GLU B 308 -0.51 28.45 13.25
CA GLU B 308 0.13 29.51 12.52
C GLU B 308 1.10 28.94 11.49
N GLY B 309 1.10 29.53 10.30
CA GLY B 309 1.92 29.02 9.21
C GLY B 309 1.23 28.03 8.27
N ASP B 310 0.05 27.50 8.57
CA ASP B 310 -0.57 26.54 7.63
C ASP B 310 -0.88 27.25 6.30
N THR B 311 -0.80 26.52 5.20
CA THR B 311 -1.06 27.10 3.87
C THR B 311 -2.55 27.27 3.52
N TYR B 312 -3.37 26.30 3.96
CA TYR B 312 -4.79 26.40 3.73
C TYR B 312 -5.53 25.66 4.82
N VAL B 313 -6.73 26.13 5.13
CA VAL B 313 -7.49 25.55 6.21
C VAL B 313 -8.89 25.27 5.69
N ILE B 314 -9.20 23.96 5.61
CA ILE B 314 -10.53 23.59 5.09
C ILE B 314 -11.61 23.71 6.16
N PRO B 315 -12.87 23.81 5.75
CA PRO B 315 -13.92 23.93 6.77
C PRO B 315 -14.04 22.66 7.63
N HIS B 316 -14.49 22.87 8.87
CA HIS B 316 -14.71 21.71 9.75
C HIS B 316 -15.87 20.80 9.35
N VAL B 317 -15.58 19.52 9.12
CA VAL B 317 -16.57 18.50 8.84
C VAL B 317 -16.23 17.28 9.70
N HIS B 318 -17.08 16.28 9.62
CA HIS B 318 -16.94 15.08 10.44
C HIS B 318 -15.62 14.40 10.14
N GLU B 319 -14.94 13.94 11.19
CA GLU B 319 -13.61 13.34 11.09
C GLU B 319 -13.44 12.22 10.03
N LEU B 320 -14.43 11.37 9.82
CA LEU B 320 -14.26 10.35 8.81
C LEU B 320 -14.62 10.84 7.40
N LEU B 321 -15.31 11.99 7.34
CA LEU B 321 -15.71 12.55 5.99
C LEU B 321 -14.75 13.59 5.45
N THR B 322 -13.69 13.95 6.21
CA THR B 322 -12.77 14.94 5.68
C THR B 322 -12.20 14.68 4.29
N PRO B 323 -11.98 13.39 3.86
CA PRO B 323 -11.51 13.16 2.48
C PRO B 323 -12.38 13.78 1.40
N LEU B 324 -13.69 13.91 1.62
CA LEU B 324 -14.58 14.49 0.61
C LEU B 324 -14.27 15.95 0.33
N VAL B 325 -13.77 16.64 1.38
CA VAL B 325 -13.41 18.04 1.26
C VAL B 325 -11.91 18.23 0.91
N SER B 326 -11.03 17.57 1.67
CA SER B 326 -9.59 17.77 1.40
C SER B 326 -9.14 17.38 0.02
N VAL B 327 -9.76 16.35 -0.56
CA VAL B 327 -9.37 15.90 -1.87
C VAL B 327 -9.63 16.99 -2.90
N VAL B 328 -10.67 17.81 -2.71
CA VAL B 328 -10.98 18.85 -3.71
C VAL B 328 -9.89 19.91 -3.80
N ALA B 329 -9.29 20.24 -2.68
CA ALA B 329 -8.11 21.11 -2.67
C ALA B 329 -6.99 20.46 -3.48
N LEU B 330 -6.74 19.19 -3.25
CA LEU B 330 -5.67 18.50 -3.99
C LEU B 330 -5.96 18.38 -5.51
N GLN B 331 -7.22 18.12 -5.87
CA GLN B 331 -7.60 18.11 -7.26
C GLN B 331 -7.32 19.43 -7.96
N LEU B 332 -7.68 20.53 -7.28
CA LEU B 332 -7.49 21.85 -7.88
C LEU B 332 -6.01 22.26 -7.94
N ILE B 333 -5.27 21.99 -6.88
CA ILE B 333 -3.83 22.25 -6.89
C ILE B 333 -3.17 21.48 -8.04
N SER B 334 -3.57 20.20 -8.20
CA SER B 334 -3.02 19.39 -9.30
C SER B 334 -3.39 19.91 -10.70
N TYR B 335 -4.67 20.25 -10.87
CA TYR B 335 -5.14 20.91 -12.09
C TYR B 335 -4.25 22.11 -12.45
N TYR B 336 -4.07 23.06 -11.52
CA TYR B 336 -3.29 24.26 -11.77
C TYR B 336 -1.79 24.03 -11.99
N ALA B 337 -1.19 23.08 -11.27
CA ALA B 337 0.15 22.64 -11.60
C ALA B 337 0.29 22.18 -13.05
N ALA B 338 -0.64 21.35 -13.52
CA ALA B 338 -0.68 20.89 -14.94
C ALA B 338 -0.89 22.02 -15.93
N LEU B 339 -1.88 22.87 -15.64
CA LEU B 339 -2.15 24.08 -16.46
C LEU B 339 -0.91 24.90 -16.64
N HIS B 340 -0.15 25.11 -15.56
CA HIS B 340 1.03 25.97 -15.60
C HIS B 340 2.15 25.37 -16.41
N ARG B 341 2.11 24.07 -16.61
CA ARG B 341 3.06 23.38 -17.52
C ARG B 341 2.51 23.21 -18.97
N ASP B 342 1.38 23.87 -19.27
CA ASP B 342 0.71 23.80 -20.58
C ASP B 342 0.38 22.38 -21.10
N LEU B 343 -0.10 21.52 -20.20
CA LEU B 343 -0.41 20.11 -20.51
C LEU B 343 -1.90 19.93 -20.88
N ASP B 344 -2.24 18.81 -21.54
CA ASP B 344 -3.61 18.55 -22.01
C ASP B 344 -4.67 18.46 -20.91
N VAL B 345 -4.26 17.95 -19.76
CA VAL B 345 -5.19 17.71 -18.62
C VAL B 345 -6.27 16.64 -18.85
N ASP B 346 -7.18 16.83 -19.81
CA ASP B 346 -8.33 15.92 -19.98
C ASP B 346 -7.94 14.57 -20.57
N LYS B 347 -6.89 14.60 -21.40
CA LYS B 347 -6.34 13.47 -22.15
C LYS B 347 -7.39 12.62 -22.83
C1 PEG C . 27.19 1.62 4.87
O1 PEG C . 25.92 2.18 5.07
C2 PEG C . 28.10 2.22 5.89
O2 PEG C . 29.47 1.95 5.58
C3 PEG C . 30.40 2.83 6.24
C4 PEG C . 30.97 3.86 5.26
O4 PEG C . 31.97 3.29 4.40
C1 PEG D . -0.97 8.00 -21.36
O1 PEG D . -0.76 6.63 -20.97
C2 PEG D . 0.29 8.59 -21.99
O2 PEG D . 0.33 10.01 -21.77
C3 PEG D . 1.64 10.52 -21.54
C4 PEG D . 1.66 12.03 -21.62
O4 PEG D . 2.66 12.55 -20.70
#